data_7NR2
#
_entry.id   7NR2
#
_cell.length_a   82.840
_cell.length_b   88.080
_cell.length_c   96.580
_cell.angle_alpha   90.000
_cell.angle_beta   92.280
_cell.angle_gamma   90.000
#
_symmetry.space_group_name_H-M   'P 1 21 1'
#
loop_
_entity.id
_entity.type
_entity.pdbx_description
1 polymer 'TRAP dicarboxylate transporter, DctP subunit'
2 non-polymer 'SULFATE ION'
3 non-polymer "4'-HYDROXYCINNAMIC ACID"
4 water water
#
_entity_poly.entity_id   1
_entity_poly.type   'polypeptide(L)'
_entity_poly.pdbx_seq_one_letter_code
;(MSE)QEVTLTLHQFLPAQANVPKDVLDVWADNVEEASDGRIEIERYPS(MSE)QLGGTPPEL(MSE)DQAIDGIADIVW
TVVGYTPGRYPSTEVFELPF(MSE)VSDARAASYAYWK(MSE)FEEH(MSE)KDGEFADVKILGTWVHGPG(MSE)FHTN
KPVAVPSDLEG(MSE)KIRGGSRLVNDLLTRVGAEPIG(MSE)PVPAISEALSKGVIDGTTIPWEVTSALKVPELVGNHT
EFDGPALYNLTFVLA(MSE)NKDAYESLPEDLQEVIDSQSGLAFSIFAGGTQADADGPARQIAVDRGNNIVTVSQEDAKA
WDALVNPIYETWVAE(MSE)NDKGIDGQALIDEAKSL(MSE)EEYDPS(MSE)DTYGKAAALEHHHHHH
;
_entity_poly.pdbx_strand_id   AAA,BBB,CCC,EEE
#
# COMPACT_ATOMS: atom_id res chain seq x y z
N GLU A 3 -32.98 5.17 16.19
CA GLU A 3 -31.97 5.61 15.22
C GLU A 3 -30.66 4.86 15.51
N VAL A 4 -30.19 4.04 14.57
CA VAL A 4 -28.84 3.39 14.62
C VAL A 4 -28.23 3.43 13.21
N THR A 5 -26.93 3.72 13.13
CA THR A 5 -26.14 3.77 11.87
C THR A 5 -25.15 2.62 11.93
N LEU A 6 -25.29 1.68 11.01
CA LEU A 6 -24.31 0.56 10.87
C LEU A 6 -23.53 0.81 9.60
N THR A 7 -22.22 0.55 9.61
CA THR A 7 -21.41 0.67 8.38
C THR A 7 -21.18 -0.74 7.80
N LEU A 8 -21.42 -0.87 6.49
CA LEU A 8 -21.10 -2.05 5.66
C LEU A 8 -19.89 -1.74 4.79
N HIS A 9 -18.79 -2.48 4.96
CA HIS A 9 -17.57 -2.33 4.13
C HIS A 9 -17.44 -3.53 3.19
N GLN A 10 -17.14 -3.29 1.90
CA GLN A 10 -16.98 -4.33 0.87
C GLN A 10 -15.97 -3.82 -0.19
N PHE A 11 -15.56 -4.68 -1.13
CA PHE A 11 -14.28 -4.59 -1.87
C PHE A 11 -14.46 -4.33 -3.38
N LEU A 12 -15.70 -4.29 -3.86
CA LEU A 12 -16.02 -4.02 -5.29
C LEU A 12 -16.78 -2.70 -5.40
N PRO A 13 -16.86 -2.10 -6.60
CA PRO A 13 -17.60 -0.86 -6.80
C PRO A 13 -19.08 -0.99 -6.43
N ALA A 14 -19.74 0.15 -6.18
CA ALA A 14 -21.16 0.19 -5.70
C ALA A 14 -22.10 -0.47 -6.73
N GLN A 15 -21.80 -0.37 -8.02
CA GLN A 15 -22.67 -0.76 -9.16
C GLN A 15 -22.39 -2.21 -9.60
N ALA A 16 -21.42 -2.88 -9.01
CA ALA A 16 -21.16 -4.32 -9.29
C ALA A 16 -22.37 -5.15 -8.83
N ASN A 17 -22.50 -6.35 -9.39
CA ASN A 17 -23.65 -7.27 -9.17
C ASN A 17 -23.90 -7.47 -7.69
N VAL A 18 -22.93 -7.95 -6.94
CA VAL A 18 -23.27 -8.37 -5.55
C VAL A 18 -23.60 -7.15 -4.68
N PRO A 19 -22.83 -6.03 -4.72
CA PRO A 19 -23.21 -4.84 -3.95
C PRO A 19 -24.63 -4.31 -4.28
N LYS A 20 -24.98 -4.28 -5.57
CA LYS A 20 -26.24 -3.67 -6.08
C LYS A 20 -27.46 -4.58 -5.81
N ASP A 21 -27.37 -5.89 -6.08
CA ASP A 21 -28.54 -6.81 -6.19
C ASP A 21 -28.54 -7.82 -5.05
N VAL A 22 -27.57 -7.79 -4.15
CA VAL A 22 -27.59 -8.66 -2.96
C VAL A 22 -27.42 -7.83 -1.70
N LEU A 23 -26.37 -7.02 -1.57
CA LEU A 23 -26.08 -6.33 -0.30
C LEU A 23 -27.04 -5.13 -0.13
N ASP A 24 -27.21 -4.27 -1.14
CA ASP A 24 -28.17 -3.15 -1.09
C ASP A 24 -29.57 -3.71 -0.76
N VAL A 25 -30.05 -4.65 -1.56
CA VAL A 25 -31.36 -5.33 -1.32
C VAL A 25 -31.40 -5.72 0.15
N TRP A 26 -30.37 -6.38 0.66
CA TRP A 26 -30.39 -6.89 2.06
C TRP A 26 -30.45 -5.71 3.00
N ALA A 27 -29.72 -4.64 2.69
CA ALA A 27 -29.53 -3.49 3.58
C ALA A 27 -30.85 -2.73 3.69
N ASP A 28 -31.54 -2.49 2.56
CA ASP A 28 -32.87 -1.84 2.40
C ASP A 28 -33.91 -2.68 3.17
N ASN A 29 -33.91 -3.99 3.00
CA ASN A 29 -34.81 -4.91 3.76
C ASN A 29 -34.61 -4.67 5.26
N VAL A 30 -33.37 -4.49 5.75
CA VAL A 30 -33.12 -4.26 7.20
C VAL A 30 -33.70 -2.90 7.57
N GLU A 31 -33.46 -1.87 6.74
CA GLU A 31 -33.92 -0.47 6.93
C GLU A 31 -35.44 -0.50 7.11
N GLU A 32 -36.17 -1.12 6.17
CA GLU A 32 -37.66 -1.27 6.16
C GLU A 32 -38.17 -1.99 7.42
N ALA A 33 -37.76 -3.25 7.63
CA ALA A 33 -38.26 -4.12 8.72
C ALA A 33 -37.99 -3.47 10.09
N SER A 34 -36.99 -2.59 10.16
CA SER A 34 -36.65 -1.78 11.37
C SER A 34 -37.62 -0.61 11.48
N ASP A 35 -38.32 -0.28 10.39
CA ASP A 35 -39.21 0.92 10.29
C ASP A 35 -38.36 2.19 10.37
N GLY A 36 -37.27 2.25 9.60
CA GLY A 36 -36.34 3.40 9.53
C GLY A 36 -35.53 3.64 10.81
N ARG A 37 -35.53 2.70 11.76
CA ARG A 37 -34.80 2.80 13.06
C ARG A 37 -33.34 2.34 12.90
N ILE A 38 -33.06 1.45 11.93
CA ILE A 38 -31.68 1.09 11.49
C ILE A 38 -31.43 1.77 10.14
N GLU A 39 -30.29 2.46 10.03
CA GLU A 39 -29.75 3.05 8.79
C GLU A 39 -28.41 2.34 8.54
N ILE A 40 -28.19 1.82 7.32
CA ILE A 40 -26.92 1.12 6.93
C ILE A 40 -26.22 1.93 5.83
N GLU A 41 -25.02 2.43 6.13
CA GLU A 41 -24.14 3.18 5.20
C GLU A 41 -23.25 2.18 4.46
N ARG A 42 -23.18 2.26 3.13
CA ARG A 42 -22.50 1.26 2.29
C ARG A 42 -21.21 1.84 1.71
N TYR A 43 -20.08 1.28 2.09
CA TYR A 43 -18.74 1.71 1.58
C TYR A 43 -18.14 0.70 0.61
N PRO A 44 -18.00 1.04 -0.68
CA PRO A 44 -17.41 0.14 -1.66
C PRO A 44 -15.88 0.23 -1.84
N SER A 45 -15.33 -0.66 -2.68
CA SER A 45 -13.92 -0.68 -3.13
C SER A 45 -12.96 -0.31 -2.00
N GLN A 47 -13.12 1.67 0.50
CA GLN A 47 -13.06 3.11 0.67
C GLN A 47 -12.62 3.51 2.07
N LEU A 48 -13.03 2.82 3.13
CA LEU A 48 -12.62 3.12 4.53
C LEU A 48 -11.18 2.63 4.79
N GLY A 49 -10.47 2.10 3.78
CA GLY A 49 -9.07 1.66 3.88
C GLY A 49 -8.92 0.19 4.28
N GLY A 50 -7.78 -0.41 3.94
CA GLY A 50 -7.49 -1.84 4.15
C GLY A 50 -7.40 -2.56 2.82
N THR A 51 -6.95 -3.80 2.84
CA THR A 51 -6.99 -4.75 1.72
C THR A 51 -8.17 -5.68 1.98
N PRO A 52 -8.80 -6.19 0.90
CA PRO A 52 -9.96 -7.07 1.02
C PRO A 52 -9.78 -8.21 2.02
N PRO A 53 -8.60 -8.85 2.13
CA PRO A 53 -8.43 -9.91 3.12
C PRO A 53 -8.59 -9.48 4.59
N GLU A 54 -8.47 -8.18 4.89
CA GLU A 54 -8.57 -7.68 6.29
C GLU A 54 -10.05 -7.46 6.70
N LEU A 55 -11.02 -7.61 5.77
CA LEU A 55 -12.47 -7.28 5.99
C LEU A 55 -13.02 -8.06 7.20
N ASP A 57 -11.44 -9.25 9.79
CA ASP A 57 -10.84 -8.67 10.99
C ASP A 57 -11.46 -7.29 11.25
N GLN A 58 -11.72 -6.50 10.20
CA GLN A 58 -12.44 -5.22 10.31
C GLN A 58 -13.76 -5.42 11.06
N ALA A 59 -14.57 -6.44 10.70
CA ALA A 59 -15.85 -6.78 11.36
C ALA A 59 -15.63 -7.38 12.76
N ILE A 60 -14.64 -8.23 12.97
CA ILE A 60 -14.42 -8.84 14.31
C ILE A 60 -13.97 -7.73 15.27
N ASP A 61 -13.13 -6.78 14.81
CA ASP A 61 -12.53 -5.74 15.68
C ASP A 61 -13.47 -4.54 15.85
N GLY A 62 -14.33 -4.28 14.88
CA GLY A 62 -15.38 -3.25 15.01
C GLY A 62 -15.09 -2.02 14.16
N ILE A 63 -14.01 -2.05 13.35
CA ILE A 63 -13.66 -1.01 12.34
C ILE A 63 -14.90 -0.74 11.49
N ALA A 64 -15.58 -1.81 11.06
CA ALA A 64 -16.86 -1.73 10.34
C ALA A 64 -17.84 -2.65 11.06
N ASP A 65 -19.12 -2.39 10.90
CA ASP A 65 -20.14 -3.23 11.60
C ASP A 65 -20.38 -4.52 10.81
N ILE A 66 -20.41 -4.37 9.50
CA ILE A 66 -20.80 -5.41 8.50
C ILE A 66 -19.78 -5.42 7.36
N VAL A 67 -19.34 -6.61 6.97
CA VAL A 67 -18.54 -6.78 5.72
C VAL A 67 -19.12 -7.91 4.87
N TRP A 68 -18.96 -7.73 3.57
CA TRP A 68 -18.97 -8.82 2.56
C TRP A 68 -17.53 -9.13 2.15
N THR A 69 -17.08 -10.34 2.47
CA THR A 69 -15.72 -10.79 2.09
C THR A 69 -15.75 -12.25 1.58
N VAL A 70 -14.60 -12.65 1.04
CA VAL A 70 -14.26 -13.96 0.48
C VAL A 70 -13.55 -14.71 1.60
N VAL A 71 -14.15 -15.80 2.05
CA VAL A 71 -13.69 -16.59 3.21
C VAL A 71 -12.25 -17.00 2.90
N GLY A 72 -11.96 -17.44 1.69
CA GLY A 72 -10.60 -17.94 1.35
C GLY A 72 -9.50 -16.88 1.40
N TYR A 73 -9.81 -15.58 1.46
CA TYR A 73 -8.79 -14.52 1.59
C TYR A 73 -8.18 -14.60 2.99
N THR A 74 -8.80 -15.30 3.95
CA THR A 74 -8.12 -15.69 5.22
C THR A 74 -7.81 -17.18 5.17
N PRO A 75 -6.77 -17.63 4.46
CA PRO A 75 -6.69 -19.04 4.10
C PRO A 75 -6.62 -20.03 5.28
N GLY A 76 -7.42 -21.10 5.24
CA GLY A 76 -7.41 -22.16 6.27
C GLY A 76 -7.99 -21.70 7.61
N ARG A 77 -8.56 -20.50 7.67
CA ARG A 77 -9.06 -19.92 8.92
C ARG A 77 -10.39 -20.56 9.26
N TYR A 78 -11.24 -20.73 8.26
CA TYR A 78 -12.57 -21.38 8.40
C TYR A 78 -12.57 -22.64 7.55
N PRO A 79 -11.86 -23.70 7.98
CA PRO A 79 -11.55 -24.82 7.11
C PRO A 79 -12.81 -25.57 6.65
N SER A 80 -13.87 -25.59 7.43
CA SER A 80 -15.12 -26.31 7.07
C SER A 80 -15.80 -25.70 5.84
N THR A 81 -15.61 -24.42 5.53
CA THR A 81 -16.16 -23.78 4.29
C THR A 81 -15.51 -24.41 3.06
N GLU A 82 -14.32 -25.01 3.20
CA GLU A 82 -13.54 -25.45 2.01
C GLU A 82 -14.26 -26.61 1.30
N VAL A 83 -15.15 -27.31 2.01
CA VAL A 83 -15.92 -28.47 1.46
C VAL A 83 -16.58 -28.02 0.16
N PHE A 84 -17.05 -26.78 0.03
CA PHE A 84 -17.73 -26.31 -1.21
C PHE A 84 -16.73 -25.83 -2.27
N GLU A 85 -15.44 -25.79 -1.94
CA GLU A 85 -14.38 -25.22 -2.85
C GLU A 85 -13.58 -26.36 -3.50
N LEU A 86 -13.90 -27.61 -3.15
CA LEU A 86 -13.23 -28.79 -3.74
C LEU A 86 -13.63 -28.87 -5.22
N PRO A 87 -12.71 -29.32 -6.11
CA PRO A 87 -13.01 -29.43 -7.54
C PRO A 87 -14.30 -30.17 -7.92
N PHE A 88 -15.05 -29.65 -8.88
CA PHE A 88 -16.25 -30.31 -9.45
C PHE A 88 -17.19 -30.80 -8.35
N VAL A 90 -19.88 -28.58 -7.17
CA VAL A 90 -21.13 -27.85 -7.13
C VAL A 90 -21.75 -27.74 -8.50
N SER A 91 -23.02 -28.17 -8.62
CA SER A 91 -23.82 -28.09 -9.89
C SER A 91 -24.81 -26.92 -9.83
N ASP A 92 -25.25 -26.52 -8.63
CA ASP A 92 -26.20 -25.39 -8.44
C ASP A 92 -25.84 -24.61 -7.17
N ALA A 93 -25.56 -23.31 -7.33
CA ALA A 93 -25.13 -22.33 -6.29
C ALA A 93 -26.17 -22.25 -5.14
N ARG A 94 -27.45 -22.16 -5.48
CA ARG A 94 -28.59 -22.21 -4.51
C ARG A 94 -28.47 -23.43 -3.60
N ALA A 95 -28.28 -24.61 -4.18
CA ALA A 95 -28.25 -25.87 -3.41
C ALA A 95 -27.02 -25.87 -2.49
N ALA A 96 -25.89 -25.41 -3.04
CA ALA A 96 -24.62 -25.19 -2.29
C ALA A 96 -24.86 -24.27 -1.07
N SER A 97 -25.58 -23.16 -1.26
CA SER A 97 -25.78 -22.08 -0.26
C SER A 97 -26.70 -22.57 0.86
N TYR A 98 -27.77 -23.29 0.49
CA TYR A 98 -28.65 -24.09 1.40
C TYR A 98 -27.75 -24.93 2.34
N ALA A 99 -26.93 -25.76 1.70
CA ALA A 99 -26.08 -26.76 2.36
C ALA A 99 -25.09 -26.04 3.27
N TYR A 100 -24.55 -24.94 2.74
CA TYR A 100 -23.52 -24.10 3.43
C TYR A 100 -24.15 -23.53 4.72
N TRP A 101 -25.33 -22.92 4.62
CA TRP A 101 -25.96 -22.29 5.81
C TRP A 101 -26.26 -23.41 6.83
N LYS A 102 -26.80 -24.53 6.37
CA LYS A 102 -27.23 -25.60 7.29
C LYS A 102 -25.99 -26.09 8.02
N PHE A 104 -23.27 -24.50 8.42
CA PHE A 104 -22.65 -23.42 9.19
C PHE A 104 -23.13 -23.55 10.66
N GLU A 105 -24.45 -23.63 10.84
CA GLU A 105 -25.20 -23.77 12.13
C GLU A 105 -24.70 -24.96 12.96
N GLU A 106 -24.56 -26.15 12.34
CA GLU A 106 -24.25 -27.40 13.07
C GLU A 106 -22.78 -27.42 13.48
N HIS A 107 -21.88 -27.10 12.54
CA HIS A 107 -20.43 -27.41 12.66
C HIS A 107 -19.60 -26.18 13.02
N LYS A 109 -20.72 -22.27 13.38
CA LYS A 109 -21.21 -21.12 14.14
C LYS A 109 -20.44 -20.92 15.45
N ASP A 110 -20.11 -21.98 16.21
CA ASP A 110 -19.55 -21.86 17.59
C ASP A 110 -18.13 -22.43 17.68
N GLY A 111 -17.62 -23.02 16.59
CA GLY A 111 -16.23 -23.50 16.51
C GLY A 111 -15.36 -22.48 15.81
N GLU A 112 -15.50 -22.39 14.49
CA GLU A 112 -14.56 -21.63 13.66
C GLU A 112 -15.00 -20.17 13.52
N PHE A 113 -16.31 -19.90 13.58
CA PHE A 113 -16.91 -18.53 13.50
C PHE A 113 -17.46 -18.06 14.87
N ALA A 114 -16.89 -18.48 16.00
CA ALA A 114 -17.39 -18.12 17.37
C ALA A 114 -17.37 -16.58 17.53
N ASP A 115 -16.20 -16.00 17.26
CA ASP A 115 -15.77 -14.57 17.28
C ASP A 115 -16.67 -13.61 16.49
N VAL A 116 -17.58 -14.05 15.63
CA VAL A 116 -18.22 -13.07 14.70
C VAL A 116 -19.66 -13.49 14.50
N LYS A 117 -20.52 -12.58 14.06
CA LYS A 117 -21.91 -12.91 13.67
C LYS A 117 -21.96 -13.09 12.15
N ILE A 118 -22.38 -14.27 11.70
CA ILE A 118 -22.57 -14.55 10.24
C ILE A 118 -24.05 -14.34 9.88
N LEU A 119 -24.32 -13.59 8.82
CA LEU A 119 -25.70 -13.25 8.35
C LEU A 119 -26.04 -14.00 7.06
N GLY A 120 -25.06 -14.64 6.43
CA GLY A 120 -25.20 -15.08 5.03
C GLY A 120 -23.99 -15.89 4.60
N THR A 121 -24.21 -17.06 4.00
CA THR A 121 -23.19 -18.05 3.62
C THR A 121 -23.55 -18.51 2.22
N TRP A 122 -22.70 -18.24 1.25
CA TRP A 122 -23.02 -18.58 -0.15
C TRP A 122 -21.78 -18.72 -1.03
N VAL A 123 -22.02 -19.11 -2.28
CA VAL A 123 -20.97 -19.41 -3.29
C VAL A 123 -21.40 -18.68 -4.53
N HIS A 124 -20.46 -18.42 -5.44
CA HIS A 124 -20.74 -17.73 -6.73
C HIS A 124 -21.08 -18.80 -7.76
N GLY A 125 -21.31 -18.39 -9.02
CA GLY A 125 -21.52 -19.29 -10.17
C GLY A 125 -20.25 -20.05 -10.56
N PRO A 126 -20.25 -20.83 -11.66
CA PRO A 126 -19.11 -21.66 -12.02
C PRO A 126 -17.82 -20.87 -12.22
N GLY A 127 -16.79 -21.23 -11.45
CA GLY A 127 -15.44 -20.66 -11.59
C GLY A 127 -14.82 -21.10 -12.91
N PHE A 129 -11.76 -19.90 -16.39
CA PHE A 129 -10.58 -19.17 -16.80
C PHE A 129 -10.87 -18.01 -17.77
N HIS A 130 -10.03 -16.95 -17.69
CA HIS A 130 -9.96 -15.77 -18.59
C HIS A 130 -8.48 -15.51 -18.84
N THR A 131 -8.03 -15.56 -20.10
CA THR A 131 -6.60 -15.78 -20.44
C THR A 131 -6.20 -15.12 -21.75
N ASN A 132 -4.94 -14.68 -21.80
CA ASN A 132 -4.38 -13.87 -22.90
C ASN A 132 -4.37 -14.73 -24.14
N LYS A 133 -4.11 -16.02 -23.96
CA LYS A 133 -4.07 -17.03 -25.04
C LYS A 133 -5.07 -18.14 -24.73
N PRO A 134 -5.43 -18.91 -25.79
CA PRO A 134 -6.53 -19.86 -25.69
C PRO A 134 -6.18 -20.96 -24.69
N VAL A 135 -7.18 -21.43 -23.94
CA VAL A 135 -7.10 -22.67 -23.11
C VAL A 135 -8.30 -23.53 -23.45
N ALA A 136 -8.05 -24.66 -24.12
CA ALA A 136 -9.08 -25.64 -24.57
C ALA A 136 -8.81 -26.99 -23.92
N VAL A 137 -7.57 -27.25 -23.52
CA VAL A 137 -7.24 -28.54 -22.82
C VAL A 137 -6.30 -28.20 -21.66
N PRO A 138 -6.16 -29.06 -20.66
CA PRO A 138 -5.24 -28.75 -19.57
C PRO A 138 -3.82 -28.31 -19.95
N SER A 139 -3.23 -28.98 -20.94
CA SER A 139 -1.85 -28.73 -21.45
C SER A 139 -1.64 -27.25 -21.73
N ASP A 140 -2.67 -26.56 -22.19
CA ASP A 140 -2.58 -25.12 -22.60
C ASP A 140 -2.25 -24.23 -21.39
N LEU A 141 -2.52 -24.67 -20.17
CA LEU A 141 -2.21 -23.83 -18.97
C LEU A 141 -0.74 -24.00 -18.52
N GLU A 142 0.06 -24.92 -19.10
CA GLU A 142 1.46 -25.15 -18.65
C GLU A 142 2.28 -23.87 -18.86
N GLY A 143 2.91 -23.35 -17.81
CA GLY A 143 3.76 -22.14 -17.92
C GLY A 143 2.98 -20.82 -17.91
N LYS A 145 0.79 -17.90 -15.95
CA LYS A 145 0.66 -17.36 -14.60
C LYS A 145 -0.80 -17.04 -14.41
N ILE A 146 -1.47 -17.82 -13.59
CA ILE A 146 -2.92 -17.70 -13.38
C ILE A 146 -3.21 -17.22 -11.96
N ARG A 147 -4.00 -16.16 -11.87
CA ARG A 147 -4.49 -15.64 -10.58
C ARG A 147 -5.53 -16.55 -9.94
N GLY A 148 -5.36 -16.86 -8.66
CA GLY A 148 -6.36 -17.57 -7.84
C GLY A 148 -6.61 -16.86 -6.54
N GLY A 149 -7.77 -17.10 -5.93
CA GLY A 149 -8.23 -16.32 -4.77
C GLY A 149 -8.23 -17.07 -3.46
N SER A 150 -7.81 -18.33 -3.45
CA SER A 150 -7.90 -19.20 -2.26
C SER A 150 -6.87 -20.31 -2.37
N ARG A 151 -6.47 -20.92 -1.26
CA ARG A 151 -5.41 -21.96 -1.28
C ARG A 151 -5.88 -23.19 -2.11
N LEU A 152 -7.18 -23.49 -2.18
CA LEU A 152 -7.67 -24.68 -2.91
C LEU A 152 -7.65 -24.41 -4.42
N VAL A 153 -7.97 -23.20 -4.85
CA VAL A 153 -7.84 -22.78 -6.28
C VAL A 153 -6.36 -22.86 -6.66
N ASN A 154 -5.48 -22.31 -5.83
CA ASN A 154 -4.03 -22.33 -6.12
C ASN A 154 -3.54 -23.78 -6.27
N ASP A 155 -4.07 -24.70 -5.46
CA ASP A 155 -3.71 -26.14 -5.50
C ASP A 155 -4.21 -26.71 -6.86
N LEU A 156 -5.46 -26.39 -7.21
CA LEU A 156 -6.08 -26.72 -8.51
C LEU A 156 -5.18 -26.24 -9.63
N LEU A 157 -4.78 -24.97 -9.62
CA LEU A 157 -3.96 -24.40 -10.72
C LEU A 157 -2.63 -25.17 -10.81
N THR A 158 -1.96 -25.42 -9.69
CA THR A 158 -0.66 -26.15 -9.63
C THR A 158 -0.79 -27.50 -10.37
N ARG A 159 -1.83 -28.26 -10.01
CA ARG A 159 -2.08 -29.64 -10.49
C ARG A 159 -2.39 -29.67 -11.99
N VAL A 160 -3.03 -28.67 -12.57
CA VAL A 160 -3.21 -28.60 -14.05
C VAL A 160 -1.99 -27.98 -14.73
N GLY A 161 -1.00 -27.48 -13.96
CA GLY A 161 0.31 -27.06 -14.50
C GLY A 161 0.49 -25.56 -14.65
N ALA A 162 -0.47 -24.76 -14.17
CA ALA A 162 -0.36 -23.28 -14.17
C ALA A 162 0.55 -22.87 -13.00
N GLU A 163 1.09 -21.64 -13.05
CA GLU A 163 1.79 -20.97 -11.92
C GLU A 163 0.78 -20.09 -11.19
N PRO A 164 0.32 -20.55 -10.00
CA PRO A 164 -0.66 -19.81 -9.20
C PRO A 164 -0.05 -18.50 -8.66
N ILE A 165 -0.81 -17.41 -8.72
CA ILE A 165 -0.49 -16.06 -8.17
C ILE A 165 -1.67 -15.70 -7.28
N GLY A 166 -1.45 -15.71 -5.96
CA GLY A 166 -2.49 -15.32 -4.99
C GLY A 166 -2.60 -13.81 -4.93
N PRO A 168 -6.07 -10.62 -4.34
CA PRO A 168 -7.52 -10.38 -4.28
C PRO A 168 -8.08 -9.86 -5.62
N VAL A 169 -9.38 -9.98 -5.80
CA VAL A 169 -10.03 -9.86 -7.13
C VAL A 169 -9.84 -8.43 -7.68
N PRO A 170 -9.86 -7.31 -6.91
CA PRO A 170 -9.82 -6.00 -7.55
C PRO A 170 -8.48 -5.74 -8.28
N ALA A 171 -7.40 -6.40 -7.84
CA ALA A 171 -6.00 -6.30 -8.34
C ALA A 171 -5.85 -6.92 -9.74
N ILE A 172 -6.79 -7.79 -10.18
CA ILE A 172 -6.74 -8.54 -11.47
C ILE A 172 -6.47 -7.59 -12.65
N SER A 173 -7.22 -6.50 -12.82
CA SER A 173 -7.09 -5.59 -13.98
C SER A 173 -5.65 -5.10 -14.09
N GLU A 174 -5.11 -4.50 -13.03
CA GLU A 174 -3.72 -3.96 -13.02
C GLU A 174 -2.72 -5.07 -13.39
N ALA A 175 -2.91 -6.27 -12.85
CA ALA A 175 -2.01 -7.44 -13.04
C ALA A 175 -2.03 -7.91 -14.51
N LEU A 176 -3.22 -8.07 -15.13
CA LEU A 176 -3.34 -8.36 -16.59
C LEU A 176 -2.65 -7.25 -17.42
N SER A 177 -2.95 -5.98 -17.14
CA SER A 177 -2.48 -4.78 -17.92
C SER A 177 -0.95 -4.73 -17.99
N LYS A 178 -0.30 -4.97 -16.85
CA LYS A 178 1.18 -4.93 -16.67
C LYS A 178 1.84 -6.24 -17.08
N GLY A 179 1.07 -7.32 -17.28
CA GLY A 179 1.61 -8.64 -17.68
C GLY A 179 2.24 -9.43 -16.53
N VAL A 180 1.96 -9.09 -15.29
CA VAL A 180 2.36 -9.89 -14.09
C VAL A 180 1.70 -11.28 -14.17
N ILE A 181 0.48 -11.38 -14.71
CA ILE A 181 -0.30 -12.66 -14.82
C ILE A 181 -0.68 -12.83 -16.30
N ASP A 182 -0.89 -14.07 -16.76
CA ASP A 182 -1.35 -14.37 -18.15
C ASP A 182 -2.88 -14.52 -18.17
N GLY A 183 -3.52 -14.62 -17.00
CA GLY A 183 -4.96 -14.90 -16.88
C GLY A 183 -5.40 -15.05 -15.44
N THR A 184 -6.69 -15.26 -15.26
CA THR A 184 -7.32 -15.29 -13.92
C THR A 184 -8.43 -16.32 -13.92
N THR A 185 -8.61 -16.89 -12.75
CA THR A 185 -9.87 -17.50 -12.35
C THR A 185 -10.83 -16.39 -11.94
N ILE A 186 -12.11 -16.60 -12.23
CA ILE A 186 -13.30 -15.86 -11.74
C ILE A 186 -14.50 -16.41 -12.48
N PRO A 187 -15.69 -16.35 -11.85
CA PRO A 187 -16.93 -16.64 -12.55
C PRO A 187 -17.17 -15.48 -13.52
N TRP A 188 -18.13 -15.64 -14.43
CA TRP A 188 -18.47 -14.64 -15.46
C TRP A 188 -18.86 -13.31 -14.81
N GLU A 189 -19.78 -13.31 -13.85
CA GLU A 189 -20.59 -12.13 -13.40
C GLU A 189 -19.66 -10.95 -13.05
N VAL A 190 -18.58 -11.16 -12.29
CA VAL A 190 -17.62 -10.09 -11.84
C VAL A 190 -16.72 -9.67 -13.01
N THR A 191 -16.66 -10.40 -14.13
CA THR A 191 -15.73 -10.06 -15.24
C THR A 191 -15.94 -8.62 -15.69
N SER A 192 -17.17 -8.14 -15.86
CA SER A 192 -17.47 -6.78 -16.44
C SER A 192 -16.99 -5.67 -15.47
N ALA A 193 -17.22 -5.74 -14.17
CA ALA A 193 -16.68 -4.68 -13.28
C ALA A 193 -15.12 -4.64 -13.36
N LEU A 194 -14.43 -5.73 -13.73
CA LEU A 194 -12.93 -5.73 -13.74
C LEU A 194 -12.36 -5.51 -15.15
N LYS A 195 -13.20 -5.32 -16.17
CA LYS A 195 -12.77 -5.00 -17.56
C LYS A 195 -11.98 -6.18 -18.13
N VAL A 196 -12.27 -7.38 -17.63
CA VAL A 196 -11.56 -8.62 -18.04
C VAL A 196 -11.76 -8.84 -19.53
N PRO A 197 -13.01 -8.78 -20.06
CA PRO A 197 -13.24 -9.00 -21.50
C PRO A 197 -12.53 -7.98 -22.39
N GLU A 198 -12.18 -6.81 -21.84
CA GLU A 198 -11.41 -5.78 -22.56
C GLU A 198 -9.91 -6.14 -22.55
N LEU A 199 -9.43 -6.84 -21.51
CA LEU A 199 -7.97 -7.01 -21.24
C LEU A 199 -7.40 -8.34 -21.79
N VAL A 200 -8.21 -9.39 -21.84
CA VAL A 200 -7.89 -10.72 -22.45
C VAL A 200 -8.96 -11.05 -23.52
N GLY A 201 -8.71 -12.00 -24.42
CA GLY A 201 -9.65 -12.33 -25.52
C GLY A 201 -10.10 -13.77 -25.46
N ASN A 202 -9.73 -14.53 -24.42
CA ASN A 202 -10.07 -15.97 -24.33
C ASN A 202 -10.65 -16.28 -22.96
N HIS A 203 -11.59 -17.21 -22.94
CA HIS A 203 -12.37 -17.67 -21.77
C HIS A 203 -12.56 -19.17 -21.87
N THR A 204 -12.51 -19.89 -20.76
CA THR A 204 -12.71 -21.35 -20.72
C THR A 204 -13.77 -21.68 -19.68
N GLU A 205 -14.91 -22.16 -20.14
CA GLU A 205 -16.05 -22.51 -19.25
C GLU A 205 -16.22 -24.03 -19.27
N PHE A 206 -16.91 -24.58 -18.28
CA PHE A 206 -17.14 -26.04 -18.13
C PHE A 206 -18.65 -26.28 -18.12
N ASP A 207 -19.12 -27.18 -19.00
CA ASP A 207 -20.42 -27.84 -18.81
C ASP A 207 -20.27 -28.75 -17.60
N GLY A 208 -21.37 -28.96 -16.87
CA GLY A 208 -21.44 -29.94 -15.77
C GLY A 208 -21.21 -29.23 -14.44
N PRO A 209 -20.76 -29.95 -13.40
CA PRO A 209 -20.41 -29.33 -12.13
C PRO A 209 -19.25 -28.34 -12.31
N ALA A 210 -19.26 -27.27 -11.51
CA ALA A 210 -18.30 -26.15 -11.59
C ALA A 210 -16.88 -26.69 -11.35
N LEU A 211 -15.90 -26.25 -12.15
CA LEU A 211 -14.46 -26.50 -11.88
C LEU A 211 -14.15 -26.20 -10.40
N TYR A 212 -14.47 -24.99 -9.95
CA TYR A 212 -14.47 -24.58 -8.50
C TYR A 212 -15.52 -23.48 -8.31
N ASN A 213 -15.91 -23.26 -7.06
CA ASN A 213 -16.43 -21.94 -6.65
C ASN A 213 -15.88 -21.62 -5.26
N LEU A 214 -15.88 -20.34 -4.95
CA LEU A 214 -15.42 -19.80 -3.64
C LEU A 214 -16.64 -19.50 -2.76
N THR A 215 -16.44 -19.65 -1.47
CA THR A 215 -17.41 -19.26 -0.43
C THR A 215 -17.21 -17.79 0.00
N PHE A 216 -18.33 -17.16 0.32
CA PHE A 216 -18.46 -15.80 0.87
C PHE A 216 -19.21 -15.85 2.21
N VAL A 217 -19.09 -14.78 2.99
CA VAL A 217 -20.01 -14.46 4.14
C VAL A 217 -20.35 -12.99 4.09
N LEU A 218 -21.56 -12.68 4.55
CA LEU A 218 -21.91 -11.37 5.15
C LEU A 218 -21.66 -11.56 6.64
N ALA A 219 -20.64 -10.92 7.20
CA ALA A 219 -20.35 -10.96 8.65
C ALA A 219 -20.64 -9.60 9.30
N ASN A 221 -20.09 -7.41 13.26
CA ASN A 221 -19.48 -7.34 14.58
C ASN A 221 -20.43 -7.95 15.65
N LYS A 222 -19.94 -8.90 16.44
CA LYS A 222 -20.76 -9.54 17.51
C LYS A 222 -21.28 -8.51 18.51
N ASP A 223 -20.37 -7.72 19.13
CA ASP A 223 -20.71 -6.79 20.24
C ASP A 223 -21.77 -5.82 19.71
N ALA A 224 -21.60 -5.33 18.48
CA ALA A 224 -22.52 -4.40 17.77
C ALA A 224 -23.88 -5.03 17.55
N TYR A 225 -23.91 -6.35 17.40
CA TYR A 225 -25.17 -7.11 17.27
C TYR A 225 -25.85 -7.26 18.64
N GLU A 226 -25.16 -7.90 19.59
CA GLU A 226 -25.67 -8.27 20.94
C GLU A 226 -26.27 -7.01 21.60
N SER A 227 -25.57 -5.89 21.48
CA SER A 227 -25.89 -4.61 22.17
C SER A 227 -27.01 -3.84 21.44
N LEU A 228 -27.49 -4.30 20.29
CA LEU A 228 -28.80 -3.80 19.78
C LEU A 228 -29.84 -4.23 20.82
N PRO A 229 -31.06 -3.65 20.84
CA PRO A 229 -32.14 -4.19 21.67
C PRO A 229 -32.62 -5.53 21.10
N GLU A 230 -33.44 -6.28 21.85
CA GLU A 230 -33.91 -7.66 21.49
C GLU A 230 -34.75 -7.62 20.20
N ASP A 231 -35.58 -6.59 19.97
CA ASP A 231 -36.53 -6.55 18.83
C ASP A 231 -35.79 -6.17 17.54
N LEU A 232 -34.62 -5.55 17.66
CA LEU A 232 -33.81 -5.10 16.50
C LEU A 232 -32.88 -6.24 16.06
N GLN A 233 -32.34 -7.00 17.02
CA GLN A 233 -31.65 -8.28 16.79
C GLN A 233 -32.59 -9.15 15.96
N GLU A 234 -33.83 -9.31 16.44
CA GLU A 234 -34.89 -10.08 15.74
C GLU A 234 -35.03 -9.55 14.31
N VAL A 235 -34.93 -8.24 14.10
CA VAL A 235 -35.10 -7.63 12.74
C VAL A 235 -33.94 -8.06 11.84
N ILE A 236 -32.70 -8.02 12.34
CA ILE A 236 -31.48 -8.39 11.56
C ILE A 236 -31.66 -9.85 11.12
N ASP A 237 -31.70 -10.77 12.09
CA ASP A 237 -31.89 -12.24 11.89
C ASP A 237 -32.99 -12.53 10.87
N SER A 238 -34.12 -11.84 10.97
CA SER A 238 -35.33 -12.09 10.15
C SER A 238 -34.97 -11.95 8.68
N GLN A 239 -34.17 -10.94 8.32
CA GLN A 239 -33.81 -10.59 6.92
C GLN A 239 -32.55 -11.35 6.45
N SER A 240 -31.94 -12.14 7.33
CA SER A 240 -30.67 -12.86 7.08
C SER A 240 -30.94 -14.36 7.07
N GLY A 241 -29.87 -15.14 7.03
CA GLY A 241 -29.83 -16.58 7.41
C GLY A 241 -29.99 -17.45 6.20
N LEU A 242 -30.72 -18.57 6.37
CA LEU A 242 -30.91 -19.62 5.33
C LEU A 242 -31.45 -19.02 4.02
N ALA A 243 -32.63 -18.41 4.02
CA ALA A 243 -33.28 -17.95 2.77
C ALA A 243 -32.44 -16.85 2.13
N PHE A 244 -31.83 -15.98 2.95
CA PHE A 244 -30.97 -14.90 2.43
C PHE A 244 -29.76 -15.53 1.71
N SER A 245 -29.13 -16.51 2.38
CA SER A 245 -27.95 -17.24 1.85
C SER A 245 -28.31 -17.86 0.48
N ILE A 246 -29.48 -18.48 0.36
CA ILE A 246 -29.96 -19.10 -0.90
C ILE A 246 -30.08 -18.03 -1.99
N PHE A 247 -30.61 -16.85 -1.65
CA PHE A 247 -30.88 -15.72 -2.59
C PHE A 247 -29.57 -15.10 -3.12
N ALA A 248 -28.61 -14.88 -2.24
CA ALA A 248 -27.31 -14.24 -2.61
C ALA A 248 -26.59 -15.15 -3.62
N GLY A 249 -26.44 -16.43 -3.29
CA GLY A 249 -25.83 -17.45 -4.18
C GLY A 249 -26.52 -17.46 -5.54
N GLY A 250 -27.84 -17.59 -5.56
CA GLY A 250 -28.62 -17.64 -6.80
C GLY A 250 -28.54 -16.35 -7.58
N THR A 251 -28.62 -15.20 -6.92
CA THR A 251 -28.58 -13.90 -7.64
C THR A 251 -27.18 -13.76 -8.25
N GLN A 252 -26.14 -14.11 -7.46
CA GLN A 252 -24.73 -14.03 -7.93
C GLN A 252 -24.54 -14.98 -9.14
N ALA A 253 -24.94 -16.24 -9.04
CA ALA A 253 -24.75 -17.20 -10.17
C ALA A 253 -25.56 -16.72 -11.38
N ASP A 254 -26.81 -16.31 -11.18
CA ASP A 254 -27.69 -15.88 -12.32
C ASP A 254 -27.03 -14.69 -13.06
N ALA A 255 -26.22 -13.86 -12.38
CA ALA A 255 -25.56 -12.71 -13.04
C ALA A 255 -24.43 -13.17 -14.00
N ASP A 256 -24.08 -14.46 -14.02
CA ASP A 256 -23.11 -15.01 -15.04
C ASP A 256 -23.57 -14.70 -16.48
N GLY A 257 -24.87 -14.84 -16.73
CA GLY A 257 -25.47 -14.78 -18.09
C GLY A 257 -25.21 -13.46 -18.82
N PRO A 258 -25.68 -12.31 -18.29
CA PRO A 258 -25.44 -11.00 -18.91
C PRO A 258 -23.95 -10.70 -19.13
N ALA A 259 -23.07 -11.13 -18.21
CA ALA A 259 -21.60 -10.90 -18.31
C ALA A 259 -21.02 -11.75 -19.47
N ARG A 260 -21.34 -13.05 -19.51
CA ARG A 260 -20.85 -13.93 -20.61
C ARG A 260 -21.25 -13.29 -21.94
N GLN A 261 -22.48 -12.75 -22.03
CA GLN A 261 -23.01 -12.21 -23.31
C GLN A 261 -22.22 -10.96 -23.72
N ILE A 262 -21.72 -10.17 -22.75
CA ILE A 262 -20.86 -8.96 -23.03
C ILE A 262 -19.54 -9.43 -23.68
N ALA A 263 -19.05 -10.60 -23.29
CA ALA A 263 -17.81 -11.17 -23.87
C ALA A 263 -18.11 -11.66 -25.30
N VAL A 264 -19.23 -12.38 -25.44
CA VAL A 264 -19.71 -12.88 -26.77
C VAL A 264 -19.84 -11.68 -27.71
N ASP A 265 -20.60 -10.65 -27.31
CA ASP A 265 -20.84 -9.39 -28.08
C ASP A 265 -19.53 -8.75 -28.58
N ARG A 266 -18.43 -8.86 -27.81
CA ARG A 266 -17.09 -8.31 -28.18
C ARG A 266 -16.43 -9.15 -29.27
N GLY A 267 -16.86 -10.41 -29.49
CA GLY A 267 -16.19 -11.34 -30.40
C GLY A 267 -15.01 -12.06 -29.74
N ASN A 268 -14.98 -12.09 -28.40
CA ASN A 268 -13.98 -12.90 -27.65
C ASN A 268 -14.23 -14.39 -27.92
N ASN A 269 -13.18 -15.18 -27.83
CA ASN A 269 -13.15 -16.64 -28.07
C ASN A 269 -13.51 -17.32 -26.73
N ILE A 270 -14.68 -17.98 -26.65
CA ILE A 270 -15.14 -18.75 -25.46
C ILE A 270 -15.06 -20.24 -25.79
N VAL A 271 -14.22 -20.99 -25.10
CA VAL A 271 -14.15 -22.47 -25.19
C VAL A 271 -15.06 -23.04 -24.10
N THR A 272 -16.02 -23.87 -24.52
CA THR A 272 -16.91 -24.64 -23.63
C THR A 272 -16.46 -26.11 -23.57
N VAL A 273 -15.93 -26.53 -22.42
CA VAL A 273 -15.49 -27.93 -22.17
C VAL A 273 -16.73 -28.76 -21.78
N SER A 274 -17.05 -29.74 -22.62
CA SER A 274 -18.10 -30.76 -22.39
C SER A 274 -17.81 -31.46 -21.07
N GLN A 275 -18.84 -32.06 -20.48
CA GLN A 275 -18.73 -32.92 -19.28
C GLN A 275 -17.79 -34.07 -19.56
N GLU A 276 -17.80 -34.60 -20.79
CA GLU A 276 -16.95 -35.76 -21.17
C GLU A 276 -15.50 -35.27 -21.12
N ASP A 277 -15.23 -34.09 -21.71
CA ASP A 277 -13.86 -33.54 -21.82
C ASP A 277 -13.40 -33.03 -20.44
N ALA A 278 -14.32 -32.60 -19.56
CA ALA A 278 -14.02 -32.23 -18.17
C ALA A 278 -13.27 -33.36 -17.45
N LYS A 279 -13.54 -34.64 -17.75
CA LYS A 279 -12.91 -35.80 -17.04
C LYS A 279 -11.38 -35.71 -17.01
N ALA A 280 -10.74 -35.18 -18.05
CA ALA A 280 -9.28 -35.00 -18.14
C ALA A 280 -8.82 -34.02 -17.04
N TRP A 281 -9.64 -33.01 -16.79
CA TRP A 281 -9.36 -31.96 -15.77
C TRP A 281 -9.55 -32.55 -14.38
N ASP A 282 -10.69 -33.21 -14.17
CA ASP A 282 -10.98 -34.01 -12.97
C ASP A 282 -9.81 -34.95 -12.66
N ALA A 283 -9.25 -35.68 -13.63
CA ALA A 283 -8.17 -36.65 -13.34
C ALA A 283 -7.02 -35.91 -12.65
N LEU A 284 -6.69 -34.69 -13.11
CA LEU A 284 -5.61 -33.83 -12.56
C LEU A 284 -6.00 -33.25 -11.20
N VAL A 285 -7.23 -32.75 -11.03
CA VAL A 285 -7.61 -31.98 -9.79
C VAL A 285 -8.17 -32.89 -8.70
N ASN A 286 -8.66 -34.07 -9.03
CA ASN A 286 -9.50 -34.83 -8.06
C ASN A 286 -8.65 -35.33 -6.91
N PRO A 287 -7.30 -35.44 -6.97
CA PRO A 287 -6.55 -35.85 -5.78
C PRO A 287 -6.54 -34.84 -4.62
N ILE A 288 -7.02 -33.62 -4.88
CA ILE A 288 -7.27 -32.56 -3.86
C ILE A 288 -8.23 -33.13 -2.81
N TYR A 289 -9.18 -33.97 -3.22
CA TYR A 289 -10.14 -34.61 -2.28
C TYR A 289 -9.41 -35.38 -1.17
N GLU A 290 -8.43 -36.22 -1.52
CA GLU A 290 -7.65 -37.08 -0.58
C GLU A 290 -6.74 -36.20 0.29
N THR A 291 -6.01 -35.23 -0.27
CA THR A 291 -5.07 -34.40 0.55
C THR A 291 -5.89 -33.50 1.47
N TRP A 292 -7.06 -33.03 1.03
CA TRP A 292 -7.89 -32.17 1.87
C TRP A 292 -8.42 -32.96 3.07
N VAL A 293 -8.95 -34.16 2.84
CA VAL A 293 -9.42 -35.03 3.96
C VAL A 293 -8.26 -35.37 4.89
N ALA A 294 -7.06 -35.68 4.36
CA ALA A 294 -5.86 -35.94 5.20
C ALA A 294 -5.58 -34.70 6.08
N GLU A 295 -5.63 -33.48 5.48
CA GLU A 295 -5.42 -32.16 6.14
C GLU A 295 -6.45 -32.01 7.28
N ASN A 297 -8.26 -34.34 8.81
CA ASN A 297 -8.00 -35.35 9.83
C ASN A 297 -6.83 -34.90 10.74
N ASP A 298 -5.81 -34.26 10.14
CA ASP A 298 -4.64 -33.73 10.89
C ASP A 298 -5.13 -32.64 11.85
N LYS A 299 -6.26 -31.97 11.57
CA LYS A 299 -6.84 -30.94 12.47
C LYS A 299 -7.87 -31.59 13.41
N GLY A 300 -8.09 -32.91 13.33
CA GLY A 300 -9.13 -33.60 14.15
C GLY A 300 -10.52 -33.41 13.57
N ILE A 301 -10.62 -33.10 12.29
CA ILE A 301 -11.93 -32.91 11.61
C ILE A 301 -12.17 -34.09 10.67
N ASP A 302 -13.39 -34.63 10.76
CA ASP A 302 -13.93 -35.67 9.85
C ASP A 302 -14.25 -35.05 8.48
N GLY A 303 -13.24 -34.96 7.61
CA GLY A 303 -13.34 -34.38 6.26
C GLY A 303 -14.36 -35.09 5.40
N GLN A 304 -14.26 -36.42 5.33
CA GLN A 304 -15.17 -37.24 4.50
C GLN A 304 -16.63 -36.98 4.94
N ALA A 305 -16.89 -36.93 6.24
CA ALA A 305 -18.25 -36.65 6.77
C ALA A 305 -18.77 -35.30 6.25
N LEU A 306 -17.92 -34.26 6.19
CA LEU A 306 -18.31 -32.94 5.59
C LEU A 306 -18.63 -33.12 4.11
N ILE A 307 -17.79 -33.84 3.37
CA ILE A 307 -18.05 -34.02 1.91
C ILE A 307 -19.38 -34.77 1.71
N ASP A 308 -19.59 -35.90 2.43
CA ASP A 308 -20.80 -36.75 2.29
C ASP A 308 -22.02 -35.87 2.63
N GLU A 309 -21.95 -35.23 3.80
CA GLU A 309 -23.04 -34.36 4.32
C GLU A 309 -23.36 -33.27 3.29
N ALA A 310 -22.32 -32.64 2.71
CA ALA A 310 -22.53 -31.49 1.82
C ALA A 310 -23.27 -31.97 0.55
N LYS A 311 -22.92 -33.15 0.02
CA LYS A 311 -23.56 -33.76 -1.18
C LYS A 311 -25.01 -34.19 -0.82
N SER A 312 -25.17 -34.86 0.32
CA SER A 312 -26.48 -35.20 0.94
C SER A 312 -27.41 -33.97 0.93
N LEU A 313 -27.01 -32.85 1.57
CA LEU A 313 -27.82 -31.59 1.71
C LEU A 313 -28.14 -30.97 0.34
N GLU A 315 -28.40 -32.38 -2.87
CA GLU A 315 -29.43 -33.14 -3.58
C GLU A 315 -30.81 -32.86 -2.96
N GLU A 316 -30.83 -32.80 -1.61
CA GLU A 316 -32.01 -32.54 -0.72
C GLU A 316 -32.64 -31.17 -1.01
N TYR A 317 -31.87 -30.17 -1.48
CA TYR A 317 -32.39 -28.80 -1.78
C TYR A 317 -33.56 -28.92 -2.74
N ASP A 318 -34.73 -28.44 -2.33
CA ASP A 318 -35.88 -28.18 -3.23
C ASP A 318 -35.86 -26.70 -3.61
N PRO A 319 -36.08 -26.34 -4.91
CA PRO A 319 -36.24 -24.96 -5.37
C PRO A 319 -37.40 -24.06 -4.87
N SER A 320 -38.11 -24.46 -3.82
CA SER A 320 -39.16 -23.65 -3.15
C SER A 320 -38.83 -23.50 -1.66
N ASP A 322 -36.60 -21.39 -1.62
CA ASP A 322 -36.01 -20.19 -2.19
C ASP A 322 -37.00 -19.00 -2.25
N THR A 323 -37.33 -18.40 -1.10
CA THR A 323 -38.44 -17.42 -0.93
C THR A 323 -38.02 -15.93 -1.02
N TYR A 324 -36.80 -15.53 -0.60
CA TYR A 324 -36.40 -14.15 -0.20
C TYR A 324 -37.10 -13.09 -1.06
N GLU B 3 -12.13 0.29 -35.94
CA GLU B 3 -10.93 0.83 -36.67
C GLU B 3 -9.83 1.18 -35.65
N VAL B 4 -10.09 2.13 -34.74
CA VAL B 4 -9.12 2.63 -33.70
C VAL B 4 -9.77 2.58 -32.31
N THR B 5 -9.09 1.94 -31.34
CA THR B 5 -9.47 1.95 -29.91
C THR B 5 -8.49 2.82 -29.12
N LEU B 6 -8.95 3.85 -28.40
CA LEU B 6 -8.10 4.65 -27.48
C LEU B 6 -8.48 4.37 -26.01
N THR B 7 -7.49 4.11 -25.17
CA THR B 7 -7.70 3.89 -23.72
C THR B 7 -7.69 5.22 -22.97
N LEU B 8 -8.68 5.38 -22.06
CA LEU B 8 -8.78 6.58 -21.19
C LEU B 8 -8.64 6.12 -19.76
N HIS B 9 -7.67 6.70 -19.04
CA HIS B 9 -7.38 6.31 -17.65
C HIS B 9 -7.74 7.48 -16.73
N GLN B 10 -8.48 7.23 -15.65
CA GLN B 10 -8.70 8.32 -14.66
C GLN B 10 -8.90 7.74 -13.25
N PHE B 11 -9.11 8.60 -12.26
CA PHE B 11 -8.78 8.33 -10.82
C PHE B 11 -10.06 8.21 -9.94
N LEU B 12 -11.25 8.47 -10.46
CA LEU B 12 -12.53 8.33 -9.69
C LEU B 12 -13.41 7.20 -10.24
N PRO B 13 -14.47 6.77 -9.51
CA PRO B 13 -15.41 5.80 -10.05
C PRO B 13 -16.11 6.30 -11.34
N ALA B 14 -16.54 5.37 -12.20
CA ALA B 14 -17.25 5.56 -13.50
C ALA B 14 -18.53 6.38 -13.30
N GLN B 15 -19.17 6.24 -12.15
CA GLN B 15 -20.42 6.96 -11.76
C GLN B 15 -20.13 8.36 -11.24
N ALA B 16 -18.89 8.71 -10.90
CA ALA B 16 -18.59 10.05 -10.33
C ALA B 16 -19.00 11.12 -11.35
N ASN B 17 -19.18 12.37 -10.91
CA ASN B 17 -19.73 13.48 -11.72
C ASN B 17 -18.90 13.69 -12.98
N VAL B 18 -17.60 13.92 -12.85
CA VAL B 18 -16.75 14.28 -14.02
C VAL B 18 -16.66 13.09 -14.99
N PRO B 19 -16.32 11.85 -14.58
CA PRO B 19 -16.35 10.72 -15.51
C PRO B 19 -17.69 10.68 -16.27
N LYS B 20 -18.83 10.68 -15.58
CA LYS B 20 -20.14 10.47 -16.24
C LYS B 20 -20.63 11.74 -16.93
N ASP B 21 -20.50 12.92 -16.34
CA ASP B 21 -21.13 14.16 -16.91
C ASP B 21 -20.20 14.90 -17.88
N VAL B 22 -18.91 14.58 -17.86
CA VAL B 22 -17.92 15.33 -18.67
C VAL B 22 -17.13 14.35 -19.54
N LEU B 23 -16.44 13.36 -18.98
CA LEU B 23 -15.53 12.50 -19.80
C LEU B 23 -16.36 11.61 -20.75
N ASP B 24 -17.48 11.04 -20.30
CA ASP B 24 -18.40 10.24 -21.15
C ASP B 24 -19.06 11.13 -22.23
N VAL B 25 -19.37 12.39 -21.96
CA VAL B 25 -19.92 13.29 -23.02
C VAL B 25 -18.85 13.46 -24.11
N TRP B 26 -17.63 13.81 -23.73
CA TRP B 26 -16.48 13.96 -24.65
C TRP B 26 -16.34 12.68 -25.50
N ALA B 27 -16.29 11.52 -24.84
CA ALA B 27 -15.98 10.21 -25.46
C ALA B 27 -17.12 9.82 -26.41
N ASP B 28 -18.37 10.04 -25.99
CA ASP B 28 -19.57 9.81 -26.82
C ASP B 28 -19.57 10.77 -28.02
N ASN B 29 -19.18 12.03 -27.84
CA ASN B 29 -19.02 13.01 -28.94
C ASN B 29 -17.97 12.50 -29.93
N VAL B 30 -16.85 11.97 -29.43
CA VAL B 30 -15.71 11.58 -30.30
C VAL B 30 -16.17 10.36 -31.10
N GLU B 31 -16.79 9.35 -30.45
CA GLU B 31 -17.29 8.10 -31.08
C GLU B 31 -18.29 8.46 -32.20
N GLU B 32 -19.36 9.21 -31.89
CA GLU B 32 -20.39 9.70 -32.86
C GLU B 32 -19.74 10.46 -34.02
N ALA B 33 -18.89 11.43 -33.71
CA ALA B 33 -18.31 12.35 -34.70
C ALA B 33 -17.41 11.58 -35.67
N SER B 34 -16.95 10.39 -35.28
CA SER B 34 -16.01 9.53 -36.06
C SER B 34 -16.79 8.43 -36.80
N ASP B 35 -18.12 8.53 -36.81
CA ASP B 35 -19.08 7.48 -37.26
C ASP B 35 -18.59 6.07 -36.82
N GLY B 36 -18.18 5.93 -35.56
CA GLY B 36 -17.79 4.66 -34.91
C GLY B 36 -16.34 4.28 -35.19
N ARG B 37 -15.59 5.09 -35.94
CA ARG B 37 -14.19 4.75 -36.32
C ARG B 37 -13.23 4.91 -35.11
N ILE B 38 -13.53 5.80 -34.16
CA ILE B 38 -12.80 5.88 -32.85
C ILE B 38 -13.69 5.23 -31.78
N GLU B 39 -13.12 4.29 -31.04
CA GLU B 39 -13.71 3.69 -29.83
C GLU B 39 -12.83 4.14 -28.66
N ILE B 40 -13.43 4.65 -27.59
CA ILE B 40 -12.72 5.08 -26.34
C ILE B 40 -13.16 4.16 -25.20
N GLU B 41 -12.22 3.41 -24.70
CA GLU B 41 -12.36 2.35 -23.67
C GLU B 41 -11.97 3.00 -22.34
N ARG B 42 -12.85 3.05 -21.35
CA ARG B 42 -12.63 3.94 -20.17
C ARG B 42 -12.26 3.08 -18.96
N TYR B 43 -11.20 3.44 -18.25
CA TYR B 43 -10.71 2.73 -17.05
C TYR B 43 -10.80 3.68 -15.86
N PRO B 44 -11.73 3.42 -14.91
CA PRO B 44 -11.92 4.29 -13.75
C PRO B 44 -10.98 3.88 -12.62
N SER B 45 -10.85 4.73 -11.59
CA SER B 45 -10.25 4.42 -10.27
C SER B 45 -8.89 3.73 -10.44
N GLN B 47 -7.65 1.74 -12.49
CA GLN B 47 -7.80 0.32 -12.66
C GLN B 47 -6.65 -0.35 -13.46
N LEU B 48 -5.88 0.41 -14.26
CA LEU B 48 -4.76 -0.14 -15.07
C LEU B 48 -3.48 -0.14 -14.22
N GLY B 49 -3.56 0.35 -12.97
CA GLY B 49 -2.47 0.45 -12.00
C GLY B 49 -1.94 1.87 -11.77
N GLY B 50 -1.25 2.04 -10.65
CA GLY B 50 -0.54 3.26 -10.30
C GLY B 50 -1.43 4.18 -9.48
N THR B 51 -0.85 5.29 -9.02
CA THR B 51 -1.53 6.30 -8.15
C THR B 51 -1.93 7.47 -9.03
N PRO B 52 -2.95 8.26 -8.64
CA PRO B 52 -3.39 9.38 -9.49
C PRO B 52 -2.27 10.32 -9.97
N PRO B 53 -1.29 10.74 -9.14
CA PRO B 53 -0.23 11.63 -9.62
C PRO B 53 0.47 11.09 -10.86
N GLU B 54 0.50 9.76 -11.10
CA GLU B 54 1.25 9.12 -12.22
C GLU B 54 0.51 9.29 -13.57
N LEU B 55 -0.75 9.75 -13.57
CA LEU B 55 -1.56 9.84 -14.83
C LEU B 55 -0.82 10.66 -15.90
N ASP B 57 2.21 11.21 -16.62
CA ASP B 57 3.34 10.50 -17.19
C ASP B 57 2.84 9.26 -17.92
N GLN B 58 1.77 8.62 -17.44
CA GLN B 58 1.15 7.48 -18.17
C GLN B 58 0.70 7.92 -19.57
N ALA B 59 0.22 9.16 -19.72
CA ALA B 59 -0.17 9.71 -21.03
C ALA B 59 1.08 10.01 -21.86
N ILE B 60 2.06 10.72 -21.30
CA ILE B 60 3.34 11.07 -21.99
C ILE B 60 4.01 9.79 -22.50
N ASP B 61 4.08 8.73 -21.69
CA ASP B 61 4.83 7.46 -21.97
C ASP B 61 3.96 6.44 -22.71
N GLY B 62 2.68 6.74 -22.96
CA GLY B 62 1.79 5.94 -23.83
C GLY B 62 1.29 4.68 -23.16
N ILE B 63 1.32 4.58 -21.82
CA ILE B 63 0.71 3.46 -21.05
C ILE B 63 -0.83 3.57 -21.14
N ALA B 64 -1.34 4.80 -21.14
CA ALA B 64 -2.73 5.15 -21.50
C ALA B 64 -2.67 6.15 -22.66
N ASP B 65 -3.63 6.08 -23.58
CA ASP B 65 -3.73 7.07 -24.68
C ASP B 65 -4.20 8.43 -24.12
N ILE B 66 -5.14 8.40 -23.18
CA ILE B 66 -5.82 9.62 -22.68
C ILE B 66 -5.91 9.54 -21.16
N VAL B 67 -5.71 10.66 -20.49
CA VAL B 67 -5.94 10.75 -19.02
C VAL B 67 -6.65 12.04 -18.69
N TRP B 68 -7.47 11.98 -17.62
CA TRP B 68 -8.01 13.11 -16.85
C TRP B 68 -7.19 13.21 -15.54
N THR B 69 -6.50 14.31 -15.31
CA THR B 69 -5.70 14.43 -14.07
C THR B 69 -5.76 15.86 -13.54
N VAL B 70 -5.28 16.01 -12.31
CA VAL B 70 -5.09 17.26 -11.56
C VAL B 70 -3.64 17.69 -11.85
N VAL B 71 -3.45 18.85 -12.46
CA VAL B 71 -2.11 19.34 -12.83
C VAL B 71 -1.22 19.36 -11.58
N GLY B 72 -1.79 19.80 -10.43
CA GLY B 72 -1.01 20.04 -9.21
C GLY B 72 -0.56 18.76 -8.54
N TYR B 73 -0.98 17.61 -9.04
CA TYR B 73 -0.43 16.32 -8.56
C TYR B 73 0.97 16.17 -9.16
N THR B 74 1.40 17.01 -10.11
CA THR B 74 2.78 17.02 -10.69
C THR B 74 3.33 18.43 -10.59
N PRO B 75 3.76 18.83 -9.37
CA PRO B 75 4.21 20.19 -9.16
C PRO B 75 5.51 20.44 -9.93
N GLY B 76 5.76 21.72 -10.20
CA GLY B 76 7.03 22.28 -10.68
C GLY B 76 7.18 22.16 -12.18
N ARG B 77 6.16 21.64 -12.89
CA ARG B 77 6.28 21.28 -14.33
C ARG B 77 5.40 22.15 -15.20
N TYR B 78 4.25 22.60 -14.68
CA TYR B 78 3.20 23.35 -15.43
C TYR B 78 2.83 24.61 -14.65
N PRO B 79 3.81 25.49 -14.39
CA PRO B 79 3.61 26.64 -13.50
C PRO B 79 2.60 27.69 -13.98
N SER B 80 2.41 27.84 -15.29
CA SER B 80 1.41 28.78 -15.84
C SER B 80 -0.02 28.40 -15.42
N THR B 81 -0.29 27.11 -15.14
CA THR B 81 -1.60 26.64 -14.63
C THR B 81 -1.92 27.25 -13.26
N GLU B 82 -0.89 27.51 -12.44
CA GLU B 82 -1.03 27.85 -11.01
C GLU B 82 -1.67 29.24 -10.82
N VAL B 83 -1.64 30.07 -11.85
CA VAL B 83 -2.30 31.39 -11.83
C VAL B 83 -3.78 31.24 -11.39
N PHE B 84 -4.46 30.15 -11.76
CA PHE B 84 -5.87 29.90 -11.41
C PHE B 84 -6.01 29.28 -10.01
N GLU B 85 -4.91 28.95 -9.31
CA GLU B 85 -4.93 28.24 -8.02
C GLU B 85 -4.61 29.16 -6.83
N LEU B 86 -4.27 30.41 -7.12
CA LEU B 86 -3.97 31.43 -6.08
C LEU B 86 -5.28 31.74 -5.35
N PRO B 87 -5.21 32.15 -4.07
CA PRO B 87 -6.42 32.32 -3.26
C PRO B 87 -7.36 33.42 -3.78
N PHE B 88 -8.68 33.18 -3.75
CA PHE B 88 -9.73 34.18 -4.06
C PHE B 88 -9.46 34.74 -5.45
N VAL B 90 -10.92 33.27 -8.41
CA VAL B 90 -11.91 32.90 -9.40
C VAL B 90 -13.32 33.08 -8.83
N SER B 91 -14.17 33.82 -9.56
CA SER B 91 -15.62 34.02 -9.30
C SER B 91 -16.50 33.06 -10.10
N ASP B 92 -15.98 32.56 -11.21
CA ASP B 92 -16.81 31.82 -12.19
C ASP B 92 -15.96 30.75 -12.89
N ALA B 93 -16.30 29.48 -12.70
CA ALA B 93 -15.53 28.33 -13.22
C ALA B 93 -15.48 28.37 -14.76
N ARG B 94 -16.61 28.65 -15.42
CA ARG B 94 -16.66 28.80 -16.89
C ARG B 94 -15.71 29.90 -17.34
N ALA B 95 -15.70 31.08 -16.73
CA ALA B 95 -14.81 32.21 -17.12
C ALA B 95 -13.34 31.82 -16.91
N ALA B 96 -13.01 31.17 -15.79
CA ALA B 96 -11.65 30.62 -15.50
C ALA B 96 -11.25 29.61 -16.56
N SER B 97 -12.15 28.71 -16.95
CA SER B 97 -11.82 27.67 -17.95
C SER B 97 -11.60 28.30 -19.33
N TYR B 98 -12.31 29.36 -19.68
CA TYR B 98 -12.05 30.19 -20.88
C TYR B 98 -10.64 30.79 -20.83
N ALA B 99 -10.32 31.54 -19.77
CA ALA B 99 -9.01 32.19 -19.59
C ALA B 99 -7.92 31.12 -19.69
N TYR B 100 -8.14 29.94 -19.12
CA TYR B 100 -7.15 28.84 -19.03
C TYR B 100 -6.89 28.25 -20.43
N TRP B 101 -7.92 27.93 -21.18
CA TRP B 101 -7.74 27.43 -22.58
C TRP B 101 -7.04 28.53 -23.41
N LYS B 102 -7.48 29.78 -23.34
CA LYS B 102 -6.83 30.90 -24.06
C LYS B 102 -5.35 31.00 -23.70
N PHE B 104 -3.45 28.73 -22.37
CA PHE B 104 -2.79 27.45 -22.74
C PHE B 104 -2.28 27.54 -24.20
N GLU B 105 -3.13 28.06 -25.10
CA GLU B 105 -2.77 28.21 -26.53
C GLU B 105 -1.63 29.23 -26.67
N GLU B 106 -1.69 30.37 -25.97
CA GLU B 106 -0.67 31.45 -26.02
C GLU B 106 0.70 31.04 -25.46
N HIS B 107 0.74 30.52 -24.23
CA HIS B 107 1.94 30.41 -23.36
C HIS B 107 2.41 28.97 -23.16
N LYS B 109 1.05 25.58 -24.80
CA LYS B 109 0.95 24.47 -25.72
C LYS B 109 2.34 24.08 -26.27
N ASP B 110 3.18 25.06 -26.60
CA ASP B 110 4.50 24.82 -27.26
C ASP B 110 5.63 24.98 -26.24
N GLY B 111 5.30 25.26 -24.98
CA GLY B 111 6.30 25.35 -23.90
C GLY B 111 6.11 24.20 -22.91
N GLU B 112 5.52 24.49 -21.76
CA GLU B 112 5.54 23.53 -20.64
C GLU B 112 4.70 22.28 -20.97
N PHE B 113 3.65 22.39 -21.79
CA PHE B 113 2.87 21.23 -22.26
C PHE B 113 3.33 20.73 -23.65
N ALA B 114 4.54 21.09 -24.11
CA ALA B 114 5.07 20.72 -25.46
C ALA B 114 5.04 19.20 -25.72
N ASP B 115 5.38 18.31 -24.79
CA ASP B 115 5.46 16.84 -25.09
C ASP B 115 4.11 16.13 -24.80
N VAL B 116 2.99 16.85 -24.79
CA VAL B 116 1.65 16.19 -24.71
C VAL B 116 0.59 17.01 -25.47
N LYS B 117 -0.41 16.28 -25.94
CA LYS B 117 -1.59 16.77 -26.68
C LYS B 117 -2.65 17.13 -25.64
N ILE B 118 -2.95 18.40 -25.46
CA ILE B 118 -3.93 18.83 -24.44
C ILE B 118 -5.29 18.98 -25.13
N LEU B 119 -6.29 18.24 -24.64
CA LEU B 119 -7.67 18.29 -25.17
C LEU B 119 -8.55 19.22 -24.35
N GLY B 120 -8.22 19.49 -23.09
CA GLY B 120 -9.12 20.32 -22.26
C GLY B 120 -8.44 20.81 -21.00
N THR B 121 -8.73 22.06 -20.64
CA THR B 121 -8.14 22.81 -19.51
C THR B 121 -9.29 23.43 -18.71
N TRP B 122 -9.52 23.03 -17.44
CA TRP B 122 -10.63 23.62 -16.63
C TRP B 122 -10.33 23.61 -15.12
N VAL B 123 -11.15 24.33 -14.36
CA VAL B 123 -11.12 24.36 -12.86
C VAL B 123 -12.43 23.81 -12.35
N HIS B 124 -12.47 23.41 -11.07
CA HIS B 124 -13.69 22.91 -10.42
C HIS B 124 -14.43 24.13 -9.83
N GLY B 125 -15.58 23.93 -9.19
CA GLY B 125 -16.28 25.01 -8.50
C GLY B 125 -15.54 25.41 -7.23
N PRO B 126 -16.10 26.35 -6.43
CA PRO B 126 -15.37 26.87 -5.27
C PRO B 126 -14.80 25.77 -4.35
N GLY B 127 -13.49 25.79 -4.11
CA GLY B 127 -12.82 24.95 -3.11
C GLY B 127 -13.22 25.36 -1.70
N PHE B 129 -14.01 23.82 2.82
CA PHE B 129 -13.58 22.93 3.89
C PHE B 129 -14.71 21.99 4.29
N HIS B 130 -14.35 20.76 4.66
CA HIS B 130 -15.22 19.71 5.26
C HIS B 130 -14.46 19.14 6.45
N THR B 131 -14.99 19.27 7.68
CA THR B 131 -14.23 19.14 8.96
C THR B 131 -15.03 18.41 10.07
N ASN B 132 -14.34 17.66 10.93
CA ASN B 132 -14.99 16.91 12.02
C ASN B 132 -15.52 17.89 13.09
N LYS B 133 -15.00 19.11 13.16
CA LYS B 133 -15.45 20.22 14.04
C LYS B 133 -15.74 21.47 13.22
N PRO B 134 -16.70 22.32 13.63
CA PRO B 134 -17.06 23.50 12.84
C PRO B 134 -15.89 24.47 12.59
N VAL B 135 -15.96 25.19 11.48
CA VAL B 135 -14.91 26.16 11.04
C VAL B 135 -15.65 27.38 10.53
N ALA B 136 -15.61 28.47 11.29
CA ALA B 136 -16.31 29.75 11.02
C ALA B 136 -15.28 30.83 10.71
N VAL B 137 -14.09 30.73 11.33
CA VAL B 137 -12.97 31.73 11.18
C VAL B 137 -11.66 30.95 11.05
N PRO B 138 -10.61 31.55 10.45
CA PRO B 138 -9.35 30.85 10.22
C PRO B 138 -8.75 30.13 11.42
N SER B 139 -8.79 30.71 12.64
CA SER B 139 -8.19 30.11 13.88
C SER B 139 -8.86 28.78 14.27
N ASP B 140 -10.08 28.54 13.83
CA ASP B 140 -10.74 27.23 14.07
C ASP B 140 -9.92 26.14 13.40
N LEU B 141 -9.08 26.46 12.39
CA LEU B 141 -8.24 25.47 11.65
C LEU B 141 -6.93 25.19 12.38
N GLU B 142 -6.60 25.95 13.44
CA GLU B 142 -5.28 25.84 14.15
C GLU B 142 -5.18 24.43 14.71
N GLY B 143 -4.09 23.72 14.38
CA GLY B 143 -3.84 22.36 14.89
C GLY B 143 -4.65 21.25 14.22
N LYS B 145 -5.49 18.76 11.12
CA LYS B 145 -4.82 18.14 9.98
C LYS B 145 -5.81 18.17 8.78
N ILE B 146 -5.55 19.00 7.77
CA ILE B 146 -6.46 19.22 6.63
C ILE B 146 -5.81 18.67 5.35
N ARG B 147 -6.52 17.81 4.63
CA ARG B 147 -6.04 17.20 3.36
C ARG B 147 -6.06 18.28 2.26
N GLY B 148 -4.95 18.42 1.57
CA GLY B 148 -4.88 19.30 0.38
C GLY B 148 -4.24 18.56 -0.78
N GLY B 149 -4.47 19.08 -1.98
CA GLY B 149 -4.19 18.37 -3.23
C GLY B 149 -3.13 19.03 -4.08
N SER B 150 -2.70 20.26 -3.79
CA SER B 150 -1.62 20.97 -4.56
C SER B 150 -0.73 21.74 -3.59
N ARG B 151 0.43 22.19 -4.07
CA ARG B 151 1.40 22.94 -3.25
C ARG B 151 0.76 24.27 -2.86
N LEU B 152 -0.02 24.90 -3.72
CA LEU B 152 -0.60 26.24 -3.40
C LEU B 152 -1.73 26.12 -2.35
N VAL B 153 -2.50 25.04 -2.41
CA VAL B 153 -3.55 24.75 -1.42
C VAL B 153 -2.86 24.48 -0.07
N ASN B 154 -1.83 23.62 -0.05
CA ASN B 154 -1.06 23.26 1.18
C ASN B 154 -0.43 24.52 1.80
N ASP B 155 0.01 25.47 0.99
CA ASP B 155 0.60 26.73 1.48
C ASP B 155 -0.54 27.52 2.16
N LEU B 156 -1.68 27.57 1.50
CA LEU B 156 -2.87 28.29 2.00
C LEU B 156 -3.29 27.67 3.33
N LEU B 157 -3.26 26.34 3.44
CA LEU B 157 -3.62 25.68 4.72
C LEU B 157 -2.61 26.06 5.82
N THR B 158 -1.32 26.14 5.52
CA THR B 158 -0.27 26.49 6.52
C THR B 158 -0.55 27.88 7.07
N ARG B 159 -0.91 28.85 6.22
CA ARG B 159 -1.06 30.27 6.63
C ARG B 159 -2.33 30.51 7.44
N VAL B 160 -3.35 29.65 7.35
CA VAL B 160 -4.57 29.76 8.22
C VAL B 160 -4.33 28.93 9.48
N GLY B 161 -3.20 28.23 9.57
CA GLY B 161 -2.77 27.58 10.82
C GLY B 161 -3.01 26.09 10.84
N ALA B 162 -3.48 25.50 9.73
CA ALA B 162 -3.70 24.05 9.62
C ALA B 162 -2.34 23.38 9.42
N GLU B 163 -2.29 22.08 9.66
CA GLU B 163 -1.21 21.15 9.26
C GLU B 163 -1.61 20.49 7.94
N PRO B 164 -1.10 20.92 6.78
CA PRO B 164 -1.52 20.33 5.53
C PRO B 164 -1.03 18.89 5.42
N ILE B 165 -1.91 18.02 4.93
CA ILE B 165 -1.54 16.62 4.63
C ILE B 165 -1.80 16.43 3.12
N GLY B 166 -0.75 16.29 2.33
CA GLY B 166 -0.90 16.15 0.87
C GLY B 166 -1.23 14.70 0.53
N PRO B 168 -3.59 12.44 -2.86
CA PRO B 168 -4.63 12.54 -3.87
C PRO B 168 -6.06 12.27 -3.35
N VAL B 169 -7.04 12.72 -4.12
CA VAL B 169 -8.44 12.94 -3.68
C VAL B 169 -9.09 11.61 -3.31
N PRO B 170 -8.86 10.47 -3.99
CA PRO B 170 -9.55 9.25 -3.62
C PRO B 170 -9.20 8.73 -2.21
N ALA B 171 -8.06 9.17 -1.64
CA ALA B 171 -7.54 8.73 -0.32
C ALA B 171 -8.22 9.47 0.86
N ILE B 172 -9.00 10.50 0.56
CA ILE B 172 -9.66 11.31 1.62
C ILE B 172 -10.47 10.36 2.53
N SER B 173 -11.25 9.44 1.94
CA SER B 173 -12.32 8.73 2.70
C SER B 173 -11.67 7.85 3.77
N GLU B 174 -10.67 7.08 3.37
CA GLU B 174 -9.87 6.25 4.31
C GLU B 174 -9.26 7.16 5.38
N ALA B 175 -8.64 8.29 5.01
CA ALA B 175 -7.91 9.18 5.93
C ALA B 175 -8.88 9.79 6.97
N LEU B 176 -10.06 10.27 6.57
CA LEU B 176 -11.11 10.67 7.56
C LEU B 176 -11.52 9.46 8.44
N SER B 177 -11.87 8.32 7.87
CA SER B 177 -12.37 7.15 8.64
C SER B 177 -11.36 6.81 9.74
N LYS B 178 -10.07 6.70 9.41
CA LYS B 178 -9.00 6.28 10.35
C LYS B 178 -8.59 7.38 11.35
N GLY B 179 -8.95 8.65 11.14
CA GLY B 179 -8.57 9.80 11.98
C GLY B 179 -7.18 10.33 11.66
N VAL B 180 -6.64 9.99 10.47
CA VAL B 180 -5.35 10.53 9.97
C VAL B 180 -5.51 12.02 9.70
N ILE B 181 -6.66 12.44 9.18
CA ILE B 181 -6.93 13.89 8.95
C ILE B 181 -8.19 14.24 9.74
N ASP B 182 -8.32 15.51 10.13
CA ASP B 182 -9.50 16.10 10.80
C ASP B 182 -10.49 16.65 9.76
N GLY B 183 -10.11 16.74 8.49
CA GLY B 183 -10.86 17.55 7.51
C GLY B 183 -10.15 17.58 6.17
N THR B 184 -10.84 18.09 5.16
CA THR B 184 -10.33 18.10 3.77
C THR B 184 -10.82 19.37 3.06
N THR B 185 -10.00 19.84 2.13
CA THR B 185 -10.43 20.77 1.06
C THR B 185 -10.96 19.88 -0.06
N ILE B 186 -11.99 20.34 -0.73
CA ILE B 186 -12.55 19.81 -2.02
C ILE B 186 -13.74 20.70 -2.32
N PRO B 187 -14.16 20.81 -3.60
CA PRO B 187 -15.46 21.42 -3.90
C PRO B 187 -16.60 20.49 -3.46
N TRP B 188 -17.84 20.98 -3.39
CA TRP B 188 -19.04 20.16 -3.03
C TRP B 188 -19.14 18.90 -3.90
N GLU B 189 -18.83 19.03 -5.20
CA GLU B 189 -19.40 18.05 -6.17
C GLU B 189 -18.83 16.66 -5.86
N VAL B 190 -17.54 16.57 -5.47
CA VAL B 190 -16.86 15.25 -5.29
C VAL B 190 -17.14 14.67 -3.89
N THR B 191 -17.81 15.41 -2.99
CA THR B 191 -18.06 14.91 -1.62
C THR B 191 -18.90 13.64 -1.66
N SER B 192 -19.93 13.59 -2.51
CA SER B 192 -20.89 12.48 -2.62
C SER B 192 -20.11 11.18 -2.89
N ALA B 193 -19.28 11.17 -3.93
CA ALA B 193 -18.54 9.96 -4.35
C ALA B 193 -17.55 9.53 -3.26
N LEU B 194 -17.03 10.47 -2.43
CA LEU B 194 -16.05 10.12 -1.34
C LEU B 194 -16.76 9.89 -0.01
N LYS B 195 -18.09 10.02 0.02
CA LYS B 195 -18.96 9.84 1.21
C LYS B 195 -18.51 10.78 2.34
N VAL B 196 -18.03 11.96 1.97
CA VAL B 196 -17.51 12.93 2.94
C VAL B 196 -18.63 13.36 3.89
N PRO B 197 -19.90 13.55 3.46
CA PRO B 197 -20.95 14.02 4.36
C PRO B 197 -21.35 12.99 5.41
N GLU B 198 -21.00 11.73 5.20
CA GLU B 198 -21.20 10.64 6.19
C GLU B 198 -19.96 10.49 7.08
N LEU B 199 -18.81 11.09 6.72
CA LEU B 199 -17.57 10.98 7.55
C LEU B 199 -17.31 12.22 8.43
N VAL B 200 -17.87 13.39 8.07
CA VAL B 200 -17.73 14.66 8.82
C VAL B 200 -19.11 15.33 8.83
N GLY B 201 -19.43 16.13 9.84
CA GLY B 201 -20.73 16.81 9.98
C GLY B 201 -20.67 18.30 9.70
N ASN B 202 -19.51 18.85 9.31
CA ASN B 202 -19.31 20.30 9.22
C ASN B 202 -18.69 20.59 7.85
N HIS B 203 -19.11 21.68 7.25
CA HIS B 203 -18.68 22.19 5.94
C HIS B 203 -18.53 23.70 6.09
N THR B 204 -17.56 24.30 5.41
CA THR B 204 -17.36 25.76 5.41
C THR B 204 -17.20 26.20 3.96
N GLU B 205 -18.15 26.99 3.44
CA GLU B 205 -18.18 27.53 2.05
C GLU B 205 -18.05 29.05 2.15
N PHE B 206 -17.77 29.67 1.01
CA PHE B 206 -17.42 31.11 0.88
C PHE B 206 -18.33 31.77 -0.14
N ASP B 207 -19.04 32.84 0.26
CA ASP B 207 -19.69 33.78 -0.68
C ASP B 207 -18.54 34.57 -1.33
N GLY B 208 -18.72 34.97 -2.60
CA GLY B 208 -17.78 35.79 -3.39
C GLY B 208 -16.75 34.92 -4.10
N PRO B 209 -15.55 35.43 -4.36
CA PRO B 209 -14.50 34.61 -4.98
C PRO B 209 -14.23 33.30 -4.21
N ALA B 210 -13.98 32.23 -4.97
CA ALA B 210 -13.60 30.90 -4.46
C ALA B 210 -12.32 31.01 -3.60
N LEU B 211 -12.34 30.47 -2.40
CA LEU B 211 -11.11 30.26 -1.57
C LEU B 211 -9.96 29.84 -2.48
N TYR B 212 -10.15 28.73 -3.23
CA TYR B 212 -9.17 28.24 -4.22
C TYR B 212 -9.94 27.35 -5.18
N ASN B 213 -9.38 27.10 -6.37
CA ASN B 213 -9.79 25.92 -7.19
C ASN B 213 -8.56 25.39 -7.91
N LEU B 214 -8.56 24.10 -8.21
CA LEU B 214 -7.44 23.38 -8.86
C LEU B 214 -7.70 23.32 -10.35
N THR B 215 -6.65 23.17 -11.11
CA THR B 215 -6.67 22.97 -12.57
C THR B 215 -6.56 21.47 -12.86
N PHE B 216 -7.20 21.08 -13.95
CA PHE B 216 -7.25 19.73 -14.54
C PHE B 216 -6.81 19.85 -15.99
N VAL B 217 -6.43 18.71 -16.58
CA VAL B 217 -6.33 18.57 -18.05
C VAL B 217 -6.97 17.24 -18.36
N LEU B 218 -7.51 17.19 -19.57
CA LEU B 218 -7.66 15.95 -20.33
C LEU B 218 -6.49 15.94 -21.30
N ALA B 219 -5.58 14.96 -21.17
CA ALA B 219 -4.29 14.92 -21.90
C ALA B 219 -4.22 13.63 -22.69
N ASN B 221 -1.64 11.07 -25.30
CA ASN B 221 -0.32 10.72 -25.81
C ASN B 221 -0.10 11.37 -27.18
N LYS B 222 1.03 12.03 -27.36
CA LYS B 222 1.32 12.81 -28.58
C LYS B 222 1.46 11.87 -29.79
N ASP B 223 2.05 10.68 -29.63
CA ASP B 223 2.26 9.70 -30.74
C ASP B 223 0.94 9.05 -31.15
N ALA B 224 0.07 8.69 -30.20
CA ALA B 224 -1.26 8.11 -30.51
C ALA B 224 -2.08 9.11 -31.34
N TYR B 225 -1.92 10.40 -31.09
CA TYR B 225 -2.70 11.41 -31.83
C TYR B 225 -2.05 11.62 -33.21
N GLU B 226 -0.74 11.92 -33.23
CA GLU B 226 0.03 12.31 -34.45
C GLU B 226 0.00 11.19 -35.49
N SER B 227 -0.33 9.96 -35.10
CA SER B 227 -0.37 8.79 -36.01
C SER B 227 -1.82 8.35 -36.29
N LEU B 228 -2.81 9.22 -36.10
CA LEU B 228 -4.19 8.97 -36.59
C LEU B 228 -4.31 9.55 -37.99
N PRO B 229 -5.21 9.04 -38.86
CA PRO B 229 -5.56 9.74 -40.10
C PRO B 229 -5.96 11.19 -39.82
N GLU B 230 -5.64 12.14 -40.70
CA GLU B 230 -5.80 13.59 -40.44
C GLU B 230 -7.28 13.88 -40.15
N ASP B 231 -8.19 13.13 -40.76
CA ASP B 231 -9.65 13.35 -40.62
C ASP B 231 -10.06 13.04 -39.16
N LEU B 232 -9.45 12.01 -38.56
CA LEU B 232 -9.69 11.59 -37.15
C LEU B 232 -9.04 12.59 -36.17
N GLN B 233 -7.84 13.09 -36.47
CA GLN B 233 -7.23 14.24 -35.77
C GLN B 233 -8.23 15.40 -35.73
N GLU B 234 -8.85 15.70 -36.86
CA GLU B 234 -9.85 16.80 -37.00
C GLU B 234 -11.05 16.48 -36.09
N VAL B 235 -11.49 15.23 -36.06
CA VAL B 235 -12.61 14.83 -35.17
C VAL B 235 -12.18 15.06 -33.70
N ILE B 236 -11.05 14.47 -33.25
CA ILE B 236 -10.56 14.67 -31.86
C ILE B 236 -10.61 16.18 -31.60
N ASP B 237 -9.98 16.99 -32.46
CA ASP B 237 -9.77 18.45 -32.19
C ASP B 237 -11.11 19.19 -32.13
N SER B 238 -12.03 18.85 -33.01
CA SER B 238 -13.32 19.59 -33.12
C SER B 238 -14.15 19.34 -31.85
N GLN B 239 -14.02 18.18 -31.18
CA GLN B 239 -14.77 17.82 -29.94
C GLN B 239 -14.02 18.26 -28.67
N SER B 240 -12.85 18.88 -28.84
CA SER B 240 -11.85 19.27 -27.80
C SER B 240 -11.59 20.77 -27.88
N GLY B 241 -10.74 21.30 -27.02
CA GLY B 241 -10.43 22.75 -27.02
C GLY B 241 -11.34 23.62 -26.16
N LEU B 242 -11.66 24.84 -26.66
CA LEU B 242 -12.16 25.99 -25.85
C LEU B 242 -13.57 25.66 -25.33
N ALA B 243 -14.47 25.32 -26.24
CA ALA B 243 -15.91 25.10 -25.90
C ALA B 243 -15.97 23.95 -24.89
N PHE B 244 -15.32 22.83 -25.20
CA PHE B 244 -15.24 21.63 -24.31
C PHE B 244 -14.75 22.05 -22.92
N SER B 245 -13.73 22.88 -22.85
CA SER B 245 -13.08 23.29 -21.58
C SER B 245 -14.09 24.08 -20.74
N ILE B 246 -14.84 24.99 -21.36
CA ILE B 246 -15.87 25.84 -20.67
C ILE B 246 -16.96 24.92 -20.08
N PHE B 247 -17.36 23.93 -20.87
CA PHE B 247 -18.43 22.98 -20.52
C PHE B 247 -17.95 22.10 -19.35
N ALA B 248 -16.69 21.68 -19.40
CA ALA B 248 -16.08 20.76 -18.42
C ALA B 248 -16.08 21.46 -17.05
N GLY B 249 -15.58 22.70 -17.01
CA GLY B 249 -15.53 23.57 -15.81
C GLY B 249 -16.91 23.92 -15.31
N GLY B 250 -17.80 24.41 -16.19
CA GLY B 250 -19.21 24.70 -15.88
C GLY B 250 -19.98 23.48 -15.38
N THR B 251 -19.84 22.33 -16.01
CA THR B 251 -20.60 21.10 -15.66
C THR B 251 -20.14 20.56 -14.28
N GLN B 252 -18.83 20.56 -14.02
CA GLN B 252 -18.24 20.11 -12.72
C GLN B 252 -18.66 21.11 -11.63
N ALA B 253 -18.57 22.42 -11.89
CA ALA B 253 -19.02 23.48 -10.95
C ALA B 253 -20.51 23.25 -10.66
N ASP B 254 -21.34 22.95 -11.67
CA ASP B 254 -22.81 22.90 -11.49
C ASP B 254 -23.12 21.67 -10.65
N ALA B 255 -22.30 20.63 -10.68
CA ALA B 255 -22.58 19.42 -9.87
C ALA B 255 -22.46 19.74 -8.37
N ASP B 256 -21.94 20.90 -7.98
CA ASP B 256 -21.84 21.27 -6.54
C ASP B 256 -23.23 21.34 -5.86
N GLY B 257 -24.27 21.80 -6.59
CA GLY B 257 -25.58 22.06 -5.97
C GLY B 257 -26.21 20.79 -5.39
N PRO B 258 -26.45 19.74 -6.20
CA PRO B 258 -27.00 18.48 -5.67
C PRO B 258 -26.15 17.79 -4.60
N ALA B 259 -24.83 17.98 -4.62
CA ALA B 259 -23.90 17.46 -3.59
C ALA B 259 -24.16 18.16 -2.25
N ARG B 260 -24.22 19.49 -2.26
CA ARG B 260 -24.59 20.33 -1.07
C ARG B 260 -25.98 19.92 -0.55
N GLN B 261 -26.96 19.69 -1.43
CA GLN B 261 -28.34 19.33 -1.04
C GLN B 261 -28.29 18.04 -0.23
N ILE B 262 -27.47 17.07 -0.63
CA ILE B 262 -27.36 15.78 0.13
C ILE B 262 -26.81 16.05 1.55
N ALA B 263 -25.82 16.93 1.71
CA ALA B 263 -25.30 17.28 3.05
C ALA B 263 -26.41 18.02 3.84
N VAL B 264 -27.16 18.93 3.22
CA VAL B 264 -28.31 19.62 3.91
C VAL B 264 -29.32 18.57 4.39
N ASP B 265 -29.71 17.62 3.53
CA ASP B 265 -30.84 16.67 3.79
C ASP B 265 -30.46 15.72 4.93
N ARG B 266 -29.18 15.39 5.12
CA ARG B 266 -28.82 14.49 6.23
C ARG B 266 -28.62 15.30 7.51
N GLY B 267 -28.78 16.62 7.48
CA GLY B 267 -28.74 17.48 8.69
C GLY B 267 -27.34 17.90 9.10
N ASN B 268 -26.34 17.92 8.20
CA ASN B 268 -24.97 18.46 8.46
C ASN B 268 -24.99 19.98 8.65
N ASN B 269 -24.02 20.52 9.36
CA ASN B 269 -23.93 21.97 9.64
C ASN B 269 -23.03 22.60 8.60
N ILE B 270 -23.60 23.52 7.83
CA ILE B 270 -22.90 24.29 6.80
C ILE B 270 -22.72 25.72 7.27
N VAL B 271 -21.46 26.12 7.42
CA VAL B 271 -21.09 27.54 7.67
C VAL B 271 -20.91 28.22 6.31
N THR B 272 -21.62 29.32 6.07
CA THR B 272 -21.43 30.16 4.86
C THR B 272 -20.66 31.41 5.29
N VAL B 273 -19.41 31.57 4.86
CA VAL B 273 -18.63 32.80 5.19
C VAL B 273 -19.06 33.87 4.19
N SER B 274 -19.52 35.00 4.69
CA SER B 274 -19.96 36.15 3.86
C SER B 274 -18.75 36.77 3.17
N GLN B 275 -19.00 37.48 2.09
CA GLN B 275 -17.99 38.27 1.36
C GLN B 275 -17.29 39.22 2.34
N GLU B 276 -18.01 39.90 3.24
CA GLU B 276 -17.43 40.79 4.28
C GLU B 276 -16.52 39.99 5.24
N ASP B 277 -16.92 38.80 5.70
CA ASP B 277 -16.09 37.97 6.62
C ASP B 277 -14.96 37.30 5.85
N ALA B 278 -15.12 37.04 4.54
CA ALA B 278 -14.06 36.41 3.71
C ALA B 278 -12.89 37.38 3.57
N LYS B 279 -13.10 38.67 3.87
CA LYS B 279 -12.03 39.70 3.74
C LYS B 279 -10.89 39.33 4.67
N ALA B 280 -11.22 38.78 5.83
CA ALA B 280 -10.25 38.34 6.87
C ALA B 280 -9.41 37.20 6.30
N TRP B 281 -10.08 36.18 5.74
CA TRP B 281 -9.39 35.00 5.18
C TRP B 281 -8.38 35.51 4.12
N ASP B 282 -8.86 36.43 3.27
CA ASP B 282 -8.15 36.98 2.08
C ASP B 282 -6.84 37.60 2.53
N ALA B 283 -6.87 38.40 3.59
CA ALA B 283 -5.67 39.12 4.05
C ALA B 283 -4.69 38.14 4.72
N LEU B 284 -5.14 37.00 5.28
CA LEU B 284 -4.21 35.98 5.82
C LEU B 284 -3.50 35.20 4.71
N VAL B 285 -4.17 34.98 3.58
CA VAL B 285 -3.66 34.04 2.53
C VAL B 285 -2.99 34.79 1.35
N ASN B 286 -3.26 36.07 1.12
CA ASN B 286 -2.83 36.71 -0.15
C ASN B 286 -1.32 36.99 -0.16
N PRO B 287 -0.54 36.91 0.93
CA PRO B 287 0.90 37.00 0.78
C PRO B 287 1.42 35.88 -0.14
N ILE B 288 0.62 34.84 -0.44
CA ILE B 288 1.02 33.78 -1.42
C ILE B 288 1.26 34.44 -2.79
N TYR B 289 0.53 35.52 -3.13
CA TYR B 289 0.65 36.21 -4.45
C TYR B 289 2.10 36.64 -4.66
N GLU B 290 2.64 37.34 -3.65
CA GLU B 290 4.00 37.92 -3.58
C GLU B 290 5.01 36.78 -3.60
N THR B 291 4.81 35.74 -2.79
CA THR B 291 5.71 34.57 -2.78
C THR B 291 5.74 33.90 -4.16
N TRP B 292 4.55 33.69 -4.72
CA TRP B 292 4.38 32.99 -6.03
C TRP B 292 5.09 33.76 -7.15
N VAL B 293 4.85 35.08 -7.26
CA VAL B 293 5.42 35.95 -8.33
C VAL B 293 6.98 35.97 -8.21
N ALA B 294 7.52 36.07 -6.99
CA ALA B 294 8.98 36.04 -6.73
C ALA B 294 9.57 34.70 -7.23
N GLU B 295 8.87 33.60 -6.99
CA GLU B 295 9.40 32.28 -7.38
C GLU B 295 9.35 32.19 -8.90
N ASN B 297 9.38 34.63 -10.99
CA ASN B 297 10.38 35.56 -11.47
C ASN B 297 11.72 34.81 -11.49
N ASP B 298 12.11 34.23 -10.36
CA ASP B 298 13.41 33.50 -10.28
C ASP B 298 13.53 32.50 -11.43
N LYS B 299 12.41 31.90 -11.85
CA LYS B 299 12.39 30.90 -12.94
C LYS B 299 12.26 31.56 -14.32
N GLY B 300 12.26 32.90 -14.44
CA GLY B 300 12.29 33.63 -15.72
C GLY B 300 10.90 33.83 -16.28
N ILE B 301 9.88 33.72 -15.43
CA ILE B 301 8.45 33.82 -15.84
C ILE B 301 7.87 35.07 -15.18
N ASP B 302 7.15 35.85 -15.98
CA ASP B 302 6.52 37.12 -15.56
C ASP B 302 5.21 36.76 -14.84
N GLY B 303 5.32 36.26 -13.61
CA GLY B 303 4.15 35.82 -12.84
C GLY B 303 3.04 36.87 -12.84
N GLN B 304 3.36 38.14 -12.61
CA GLN B 304 2.33 39.22 -12.47
C GLN B 304 1.60 39.39 -13.79
N ALA B 305 2.31 39.28 -14.93
CA ALA B 305 1.67 39.37 -16.25
C ALA B 305 0.67 38.23 -16.38
N LEU B 306 1.01 37.01 -15.92
CA LEU B 306 0.08 35.85 -15.98
C LEU B 306 -1.20 36.20 -15.23
N ILE B 307 -1.04 36.72 -14.02
CA ILE B 307 -2.16 37.14 -13.12
C ILE B 307 -3.01 38.20 -13.83
N ASP B 308 -2.38 39.23 -14.41
CA ASP B 308 -3.11 40.38 -15.01
C ASP B 308 -3.89 39.85 -16.21
N GLU B 309 -3.29 38.98 -17.02
CA GLU B 309 -3.97 38.40 -18.21
C GLU B 309 -5.09 37.45 -17.75
N ALA B 310 -4.88 36.64 -16.72
CA ALA B 310 -5.96 35.74 -16.23
C ALA B 310 -7.19 36.60 -15.83
N LYS B 311 -7.01 37.70 -15.09
CA LYS B 311 -8.13 38.56 -14.64
C LYS B 311 -8.79 39.28 -15.83
N SER B 312 -8.01 39.78 -16.78
CA SER B 312 -8.52 40.47 -17.98
C SER B 312 -9.31 39.48 -18.87
N LEU B 313 -8.83 38.26 -19.08
CA LEU B 313 -9.55 37.23 -19.86
C LEU B 313 -10.84 36.79 -19.15
N GLU B 315 -12.72 38.53 -17.15
CA GLU B 315 -13.68 39.64 -17.19
C GLU B 315 -14.23 39.78 -18.61
N GLU B 316 -13.39 39.56 -19.62
CA GLU B 316 -13.78 39.52 -21.06
C GLU B 316 -14.87 38.46 -21.29
N TYR B 317 -14.84 37.32 -20.58
CA TYR B 317 -15.70 36.15 -20.81
C TYR B 317 -17.17 36.58 -20.71
N ASP B 318 -17.90 36.25 -21.76
CA ASP B 318 -19.37 36.36 -21.94
C ASP B 318 -19.91 34.93 -22.04
N PRO B 319 -21.05 34.64 -21.35
CA PRO B 319 -21.70 33.34 -21.46
C PRO B 319 -22.10 32.85 -22.86
N SER B 320 -22.13 33.73 -23.87
CA SER B 320 -22.31 33.35 -25.30
C SER B 320 -21.13 32.51 -25.80
N ASP B 322 -20.02 29.94 -24.21
CA ASP B 322 -20.30 28.59 -23.75
C ASP B 322 -21.15 27.91 -24.83
N THR B 323 -20.53 27.13 -25.73
CA THR B 323 -21.23 26.65 -26.97
C THR B 323 -21.08 25.13 -27.17
N TYR B 324 -20.57 24.33 -26.24
CA TYR B 324 -20.41 22.87 -26.47
C TYR B 324 -21.78 22.23 -26.56
N GLY B 325 -21.93 21.10 -27.26
CA GLY B 325 -23.15 20.26 -27.21
C GLY B 325 -22.85 18.77 -26.99
N LYS B 326 -23.90 17.96 -26.75
CA LYS B 326 -23.83 16.51 -26.36
C LYS B 326 -24.32 15.55 -27.46
N GLU C 3 26.58 -25.99 -1.73
CA GLU C 3 25.67 -27.18 -1.94
C GLU C 3 24.20 -26.75 -1.77
N VAL C 4 23.80 -26.34 -0.56
CA VAL C 4 22.41 -25.86 -0.23
C VAL C 4 22.48 -24.39 0.22
N THR C 5 21.73 -23.50 -0.45
CA THR C 5 21.42 -22.15 0.10
C THR C 5 19.92 -22.13 0.38
N LEU C 6 19.57 -21.76 1.62
CA LEU C 6 18.19 -21.64 2.10
C LEU C 6 17.84 -20.17 2.33
N THR C 7 16.62 -19.75 1.94
CA THR C 7 16.06 -18.40 2.21
C THR C 7 15.29 -18.39 3.55
N LEU C 8 15.65 -17.46 4.42
CA LEU C 8 14.94 -17.05 5.67
C LEU C 8 14.30 -15.68 5.45
N HIS C 9 12.98 -15.63 5.43
CA HIS C 9 12.18 -14.42 5.39
C HIS C 9 11.55 -14.13 6.76
N GLN C 10 11.54 -12.86 7.16
CA GLN C 10 10.94 -12.41 8.44
C GLN C 10 10.68 -10.91 8.33
N PHE C 11 10.07 -10.30 9.35
CA PHE C 11 9.17 -9.12 9.21
C PHE C 11 9.79 -7.91 9.93
N LEU C 12 10.95 -8.06 10.54
CA LEU C 12 11.65 -6.97 11.26
C LEU C 12 13.03 -6.70 10.65
N PRO C 13 13.65 -5.53 10.96
CA PRO C 13 14.99 -5.20 10.49
C PRO C 13 16.09 -6.15 10.97
N ALA C 14 17.18 -6.26 10.20
CA ALA C 14 18.22 -7.28 10.41
C ALA C 14 18.87 -7.03 11.77
N GLN C 15 18.88 -5.78 12.22
CA GLN C 15 19.54 -5.39 13.50
C GLN C 15 18.55 -5.44 14.68
N ALA C 16 17.29 -5.78 14.49
CA ALA C 16 16.37 -5.87 15.65
C ALA C 16 16.78 -7.05 16.54
N ASN C 17 16.29 -7.08 17.77
CA ASN C 17 16.74 -8.07 18.79
C ASN C 17 16.67 -9.50 18.26
N VAL C 18 15.48 -9.98 17.86
CA VAL C 18 15.27 -11.41 17.56
C VAL C 18 16.07 -11.78 16.32
N PRO C 19 16.01 -11.02 15.21
CA PRO C 19 16.79 -11.39 14.01
C PRO C 19 18.31 -11.50 14.26
N LYS C 20 18.87 -10.56 15.00
CA LYS C 20 20.32 -10.45 15.30
C LYS C 20 20.75 -11.38 16.46
N ASP C 21 20.01 -11.47 17.56
CA ASP C 21 20.48 -12.21 18.76
C ASP C 21 19.87 -13.63 18.81
N VAL C 22 18.98 -13.99 17.89
CA VAL C 22 18.30 -15.31 17.87
C VAL C 22 18.45 -15.95 16.50
N LEU C 23 17.85 -15.37 15.46
CA LEU C 23 17.81 -16.01 14.14
C LEU C 23 19.23 -16.17 13.57
N ASP C 24 20.06 -15.12 13.65
CA ASP C 24 21.45 -15.17 13.13
C ASP C 24 22.23 -16.21 13.97
N VAL C 25 22.07 -16.23 15.30
CA VAL C 25 22.82 -17.25 16.08
C VAL C 25 22.43 -18.64 15.54
N TRP C 26 21.15 -18.82 15.19
CA TRP C 26 20.60 -20.10 14.68
C TRP C 26 21.19 -20.39 13.30
N ALA C 27 21.07 -19.44 12.38
CA ALA C 27 21.47 -19.65 10.97
C ALA C 27 22.99 -19.86 10.89
N ASP C 28 23.76 -19.24 11.78
CA ASP C 28 25.23 -19.37 11.83
C ASP C 28 25.57 -20.73 12.45
N ASN C 29 24.78 -21.20 13.43
CA ASN C 29 24.94 -22.56 14.02
C ASN C 29 24.78 -23.63 12.91
N VAL C 30 23.75 -23.49 12.08
CA VAL C 30 23.45 -24.42 10.96
C VAL C 30 24.58 -24.38 9.92
N GLU C 31 25.00 -23.18 9.52
CA GLU C 31 26.06 -23.01 8.50
C GLU C 31 27.33 -23.72 9.00
N GLU C 32 27.72 -23.49 10.26
CA GLU C 32 29.03 -23.93 10.83
C GLU C 32 29.03 -25.44 11.04
N ALA C 33 27.94 -25.99 11.61
CA ALA C 33 27.77 -27.45 11.79
C ALA C 33 27.58 -28.13 10.42
N SER C 34 27.14 -27.44 9.37
CA SER C 34 27.02 -28.06 8.02
C SER C 34 28.39 -28.06 7.34
N ASP C 35 29.43 -27.57 8.03
CA ASP C 35 30.80 -27.27 7.49
C ASP C 35 30.66 -26.58 6.13
N GLY C 36 29.87 -25.51 6.06
CA GLY C 36 29.72 -24.63 4.87
C GLY C 36 28.81 -25.20 3.79
N ARG C 37 28.23 -26.38 4.04
CA ARG C 37 27.41 -27.09 3.02
C ARG C 37 26.06 -26.38 2.88
N ILE C 38 25.54 -25.78 3.97
CA ILE C 38 24.28 -24.97 3.94
C ILE C 38 24.65 -23.51 4.13
N GLU C 39 24.12 -22.65 3.26
CA GLU C 39 24.20 -21.18 3.46
C GLU C 39 22.77 -20.69 3.69
N ILE C 40 22.55 -19.88 4.72
CA ILE C 40 21.18 -19.32 4.95
C ILE C 40 21.19 -17.82 4.58
N GLU C 41 20.52 -17.44 3.48
CA GLU C 41 20.35 -16.01 3.12
C GLU C 41 19.13 -15.44 3.88
N ARG C 42 19.35 -14.42 4.73
CA ARG C 42 18.35 -13.78 5.62
C ARG C 42 17.80 -12.48 4.99
N TYR C 43 16.50 -12.46 4.73
CA TYR C 43 15.71 -11.35 4.18
C TYR C 43 14.84 -10.77 5.28
N PRO C 44 15.26 -9.63 5.86
CA PRO C 44 14.47 -8.93 6.87
C PRO C 44 13.32 -8.07 6.29
N SER C 45 12.50 -7.52 7.18
CA SER C 45 11.42 -6.53 6.89
C SER C 45 10.63 -6.86 5.63
N GLN C 47 11.36 -8.06 2.88
CA GLN C 47 12.08 -7.60 1.71
C GLN C 47 11.73 -8.41 0.45
N LEU C 48 11.49 -9.72 0.56
CA LEU C 48 11.05 -10.58 -0.57
C LEU C 48 9.59 -10.27 -0.95
N GLY C 49 8.83 -9.54 -0.12
CA GLY C 49 7.44 -9.12 -0.44
C GLY C 49 6.38 -9.76 0.46
N GLY C 50 5.16 -9.21 0.44
CA GLY C 50 3.99 -9.64 1.22
C GLY C 50 3.88 -8.96 2.58
N THR C 51 2.79 -9.25 3.30
CA THR C 51 2.49 -8.74 4.66
C THR C 51 2.94 -9.81 5.65
N PRO C 52 3.32 -9.42 6.87
CA PRO C 52 3.83 -10.40 7.83
C PRO C 52 2.88 -11.57 8.05
N PRO C 53 1.56 -11.39 8.09
CA PRO C 53 0.64 -12.52 8.24
C PRO C 53 0.79 -13.62 7.19
N GLU C 54 1.33 -13.29 6.02
CA GLU C 54 1.40 -14.23 4.88
C GLU C 54 2.62 -15.14 5.05
N LEU C 55 3.50 -14.88 6.03
CA LEU C 55 4.77 -15.62 6.21
C LEU C 55 4.55 -17.12 6.36
N ASP C 57 2.20 -19.05 5.22
CA ASP C 57 1.84 -19.59 3.92
C ASP C 57 3.02 -19.57 2.94
N GLN C 58 3.98 -18.64 3.10
CA GLN C 58 5.21 -18.56 2.29
C GLN C 58 6.10 -19.76 2.58
N ALA C 59 6.21 -20.21 3.83
CA ALA C 59 7.00 -21.40 4.18
C ALA C 59 6.33 -22.63 3.56
N ILE C 60 5.01 -22.74 3.71
CA ILE C 60 4.21 -23.94 3.30
C ILE C 60 4.29 -24.08 1.78
N ASP C 61 4.05 -22.99 1.04
CA ASP C 61 3.99 -22.96 -0.45
C ASP C 61 5.42 -23.03 -1.03
N GLY C 62 6.46 -22.79 -0.23
CA GLY C 62 7.89 -22.80 -0.65
C GLY C 62 8.36 -21.48 -1.27
N ILE C 63 7.61 -20.38 -1.10
CA ILE C 63 8.03 -19.01 -1.54
C ILE C 63 9.30 -18.63 -0.79
N ALA C 64 9.37 -18.98 0.50
CA ALA C 64 10.61 -18.97 1.31
C ALA C 64 10.83 -20.36 1.85
N ASP C 65 12.05 -20.69 2.25
CA ASP C 65 12.41 -22.01 2.85
C ASP C 65 12.12 -22.00 4.37
N ILE C 66 12.41 -20.88 5.04
CA ILE C 66 12.30 -20.66 6.51
C ILE C 66 11.66 -19.29 6.75
N VAL C 67 10.73 -19.19 7.70
CA VAL C 67 10.11 -17.91 8.16
C VAL C 67 10.13 -17.88 9.67
N TRP C 68 10.33 -16.70 10.23
CA TRP C 68 9.97 -16.41 11.62
C TRP C 68 8.68 -15.62 11.58
N THR C 69 7.63 -16.09 12.23
CA THR C 69 6.31 -15.42 12.21
C THR C 69 5.61 -15.54 13.57
N VAL C 70 4.55 -14.75 13.67
CA VAL C 70 3.69 -14.66 14.87
C VAL C 70 2.52 -15.57 14.56
N VAL C 71 2.34 -16.62 15.36
CA VAL C 71 1.30 -17.62 15.07
C VAL C 71 -0.06 -16.90 14.98
N GLY C 72 -0.33 -15.96 15.91
CA GLY C 72 -1.65 -15.29 16.00
C GLY C 72 -2.00 -14.43 14.77
N TYR C 73 -1.09 -14.27 13.81
CA TYR C 73 -1.35 -13.50 12.57
C TYR C 73 -2.14 -14.38 11.61
N THR C 74 -2.14 -15.71 11.82
CA THR C 74 -3.02 -16.65 11.11
C THR C 74 -3.96 -17.34 12.10
N PRO C 75 -5.04 -16.66 12.53
CA PRO C 75 -6.01 -17.26 13.46
C PRO C 75 -6.74 -18.52 12.96
N GLY C 76 -7.21 -19.35 13.89
CA GLY C 76 -8.11 -20.47 13.57
C GLY C 76 -7.41 -21.67 12.98
N ARG C 77 -6.07 -21.66 12.97
CA ARG C 77 -5.26 -22.69 12.28
C ARG C 77 -4.44 -23.47 13.29
N TYR C 78 -3.89 -22.80 14.30
CA TYR C 78 -2.92 -23.44 15.24
C TYR C 78 -3.44 -23.23 16.65
N PRO C 79 -4.66 -23.71 16.96
CA PRO C 79 -5.34 -23.30 18.17
C PRO C 79 -4.58 -23.73 19.43
N SER C 80 -3.73 -24.76 19.38
CA SER C 80 -3.09 -25.28 20.60
C SER C 80 -2.06 -24.31 21.17
N THR C 81 -1.50 -23.45 20.31
CA THR C 81 -0.53 -22.40 20.65
C THR C 81 -1.18 -21.38 21.58
N GLU C 82 -2.49 -21.22 21.49
CA GLU C 82 -3.21 -20.13 22.19
C GLU C 82 -3.23 -20.36 23.71
N VAL C 83 -3.00 -21.56 24.19
CA VAL C 83 -2.83 -21.79 25.66
C VAL C 83 -1.83 -20.78 26.27
N PHE C 84 -0.73 -20.46 25.57
CA PHE C 84 0.30 -19.55 26.12
C PHE C 84 -0.14 -18.10 26.03
N GLU C 85 -1.23 -17.79 25.29
CA GLU C 85 -1.66 -16.38 25.03
C GLU C 85 -2.80 -15.99 25.95
N LEU C 86 -3.27 -16.91 26.80
CA LEU C 86 -4.36 -16.59 27.78
C LEU C 86 -3.83 -15.58 28.80
N PRO C 87 -4.71 -14.70 29.32
CA PRO C 87 -4.28 -13.68 30.28
C PRO C 87 -3.59 -14.22 31.55
N PHE C 88 -2.58 -13.49 32.03
CA PHE C 88 -1.86 -13.69 33.32
C PHE C 88 -1.45 -15.14 33.45
N VAL C 90 1.80 -16.48 31.94
CA VAL C 90 3.21 -16.80 31.88
C VAL C 90 3.98 -15.88 32.84
N SER C 91 4.82 -16.48 33.66
CA SER C 91 5.75 -15.82 34.61
C SER C 91 7.18 -15.83 34.08
N ASP C 92 7.56 -16.78 33.22
CA ASP C 92 8.96 -16.94 32.77
C ASP C 92 8.96 -17.42 31.31
N ALA C 93 9.43 -16.60 30.37
CA ALA C 93 9.40 -16.91 28.92
C ALA C 93 10.16 -18.21 28.63
N ARG C 94 11.23 -18.45 29.37
CA ARG C 94 12.05 -19.66 29.16
C ARG C 94 11.21 -20.89 29.50
N ALA C 95 10.53 -20.89 30.63
CA ALA C 95 9.74 -22.07 31.06
C ALA C 95 8.55 -22.26 30.10
N ALA C 96 7.89 -21.16 29.72
CA ALA C 96 6.80 -21.21 28.70
C ALA C 96 7.35 -21.80 27.42
N SER C 97 8.52 -21.37 26.98
CA SER C 97 9.08 -21.84 25.69
C SER C 97 9.40 -23.35 25.75
N TYR C 98 9.93 -23.83 26.87
CA TYR C 98 10.11 -25.28 27.16
C TYR C 98 8.75 -26.02 27.10
N ALA C 99 7.74 -25.51 27.81
CA ALA C 99 6.39 -26.10 27.78
C ALA C 99 5.87 -26.17 26.34
N TYR C 100 6.05 -25.08 25.58
CA TYR C 100 5.52 -24.97 24.20
C TYR C 100 6.20 -26.01 23.32
N TRP C 101 7.52 -26.17 23.41
CA TRP C 101 8.18 -27.14 22.50
C TRP C 101 7.71 -28.56 22.88
N LYS C 102 7.71 -28.92 24.17
CA LYS C 102 7.23 -30.26 24.59
C LYS C 102 5.82 -30.48 24.03
N PHE C 104 4.26 -28.95 21.65
CA PHE C 104 4.26 -28.99 20.21
C PHE C 104 4.57 -30.41 19.74
N GLU C 105 5.65 -31.02 20.24
CA GLU C 105 6.01 -32.43 19.93
C GLU C 105 4.87 -33.39 20.25
N GLU C 106 4.21 -33.24 21.42
CA GLU C 106 3.10 -34.16 21.83
C GLU C 106 1.87 -33.97 20.93
N HIS C 107 1.34 -32.75 20.77
CA HIS C 107 -0.05 -32.47 20.32
C HIS C 107 -0.12 -31.82 18.93
N LYS C 109 2.79 -31.41 16.27
CA LYS C 109 3.72 -31.79 15.23
C LYS C 109 2.99 -32.61 14.16
N ASP C 110 2.18 -33.62 14.54
CA ASP C 110 1.60 -34.56 13.54
C ASP C 110 0.16 -34.17 13.28
N GLY C 111 -0.24 -33.02 13.80
CA GLY C 111 -1.61 -32.51 13.78
C GLY C 111 -1.70 -31.17 13.06
N GLU C 112 -1.89 -30.10 13.81
CA GLU C 112 -2.24 -28.76 13.30
C GLU C 112 -1.07 -28.20 12.50
N PHE C 113 0.16 -28.59 12.81
CA PHE C 113 1.41 -28.16 12.14
C PHE C 113 1.98 -29.25 11.21
N ALA C 114 1.21 -30.30 10.88
CA ALA C 114 1.69 -31.42 10.02
C ALA C 114 2.26 -30.98 8.65
N ASP C 115 1.69 -29.93 8.03
CA ASP C 115 2.12 -29.30 6.73
C ASP C 115 3.53 -28.69 6.77
N VAL C 116 4.11 -28.48 7.95
CA VAL C 116 5.32 -27.63 8.00
C VAL C 116 6.27 -28.26 8.98
N LYS C 117 7.55 -28.01 8.78
CA LYS C 117 8.63 -28.47 9.67
C LYS C 117 8.90 -27.34 10.67
N ILE C 118 8.73 -27.61 11.97
CA ILE C 118 8.88 -26.57 13.03
C ILE C 118 10.25 -26.71 13.67
N LEU C 119 10.99 -25.60 13.70
CA LEU C 119 12.41 -25.52 14.12
C LEU C 119 12.44 -24.98 15.54
N GLY C 120 11.48 -24.14 15.92
CA GLY C 120 11.41 -23.67 17.31
C GLY C 120 10.09 -23.01 17.60
N THR C 121 9.78 -22.93 18.89
CA THR C 121 8.46 -22.49 19.42
C THR C 121 8.73 -21.69 20.69
N TRP C 122 8.42 -20.41 20.73
CA TRP C 122 8.72 -19.59 21.94
C TRP C 122 7.71 -18.45 22.10
N VAL C 123 7.75 -17.80 23.24
CA VAL C 123 6.90 -16.61 23.54
C VAL C 123 7.85 -15.43 23.80
N HIS C 124 7.35 -14.19 23.80
CA HIS C 124 8.14 -13.00 24.17
C HIS C 124 8.03 -12.75 25.67
N GLY C 125 8.69 -11.70 26.14
CA GLY C 125 8.60 -11.13 27.49
C GLY C 125 7.20 -10.61 27.73
N PRO C 126 6.92 -10.08 28.93
CA PRO C 126 5.56 -9.64 29.25
C PRO C 126 4.90 -8.62 28.31
N GLY C 127 3.70 -8.91 27.81
CA GLY C 127 2.91 -7.95 27.02
C GLY C 127 2.46 -6.82 27.92
N PHE C 129 1.40 -2.13 27.86
CA PHE C 129 0.77 -1.06 27.11
C PHE C 129 1.77 0.07 26.88
N HIS C 130 1.62 0.73 25.73
CA HIS C 130 2.34 1.95 25.32
C HIS C 130 1.31 2.91 24.68
N THR C 131 1.08 4.06 25.33
CA THR C 131 -0.13 4.91 25.15
C THR C 131 0.23 6.39 25.14
N ASN C 132 -0.61 7.15 24.41
CA ASN C 132 -0.60 8.63 24.27
C ASN C 132 -0.78 9.28 25.64
N LYS C 133 -1.67 8.71 26.47
CA LYS C 133 -2.10 9.24 27.80
C LYS C 133 -1.91 8.18 28.87
N PRO C 134 -1.74 8.56 30.15
CA PRO C 134 -1.41 7.61 31.20
C PRO C 134 -2.49 6.55 31.36
N VAL C 135 -2.09 5.36 31.78
CA VAL C 135 -2.98 4.20 32.04
C VAL C 135 -2.46 3.55 33.32
N ALA C 136 -3.21 3.74 34.41
CA ALA C 136 -3.01 3.05 35.72
C ALA C 136 -4.07 1.99 35.96
N VAL C 137 -5.29 2.17 35.43
CA VAL C 137 -6.41 1.27 35.79
C VAL C 137 -7.18 1.04 34.53
N PRO C 138 -7.94 -0.07 34.44
CA PRO C 138 -8.59 -0.46 33.20
C PRO C 138 -9.44 0.65 32.58
N SER C 139 -10.18 1.38 33.40
CA SER C 139 -11.10 2.42 32.89
C SER C 139 -10.32 3.45 32.06
N ASP C 140 -9.02 3.62 32.29
CA ASP C 140 -8.14 4.54 31.50
C ASP C 140 -8.10 4.14 30.01
N LEU C 141 -8.34 2.88 29.67
CA LEU C 141 -8.34 2.41 28.25
C LEU C 141 -9.71 2.67 27.58
N GLU C 142 -10.76 2.95 28.35
CA GLU C 142 -12.14 3.17 27.83
C GLU C 142 -12.07 4.12 26.63
N GLY C 143 -12.47 3.66 25.45
CA GLY C 143 -12.58 4.47 24.23
C GLY C 143 -11.26 4.61 23.46
N LYS C 145 -8.13 3.61 21.07
CA LYS C 145 -7.81 2.65 20.02
C LYS C 145 -6.42 2.11 20.31
N ILE C 146 -6.34 0.80 20.61
CA ILE C 146 -5.10 0.06 20.97
C ILE C 146 -4.86 -1.03 19.90
N ARG C 147 -3.67 -1.03 19.33
CA ARG C 147 -3.15 -2.05 18.40
C ARG C 147 -2.92 -3.35 19.17
N GLY C 148 -3.47 -4.45 18.64
CA GLY C 148 -3.22 -5.83 19.12
C GLY C 148 -2.86 -6.72 17.94
N GLY C 149 -2.10 -7.78 18.16
CA GLY C 149 -1.62 -8.67 17.09
C GLY C 149 -2.13 -10.09 17.19
N SER C 150 -3.13 -10.37 18.03
CA SER C 150 -3.80 -11.70 18.11
C SER C 150 -5.26 -11.56 18.54
N ARG C 151 -6.08 -12.51 18.14
CA ARG C 151 -7.54 -12.44 18.45
C ARG C 151 -7.67 -12.49 19.96
N LEU C 152 -6.79 -13.15 20.68
CA LEU C 152 -6.94 -13.24 22.15
C LEU C 152 -6.52 -11.93 22.81
N VAL C 153 -5.48 -11.28 22.30
CA VAL C 153 -5.13 -9.91 22.76
C VAL C 153 -6.27 -8.96 22.40
N ASN C 154 -6.85 -9.08 21.25
CA ASN C 154 -7.92 -8.12 20.86
C ASN C 154 -9.14 -8.31 21.74
N ASP C 155 -9.44 -9.57 22.08
CA ASP C 155 -10.55 -9.92 23.02
C ASP C 155 -10.16 -9.33 24.39
N LEU C 156 -8.91 -9.49 24.83
CA LEU C 156 -8.44 -8.86 26.11
C LEU C 156 -8.67 -7.36 26.07
N LEU C 157 -8.27 -6.70 24.98
CA LEU C 157 -8.43 -5.23 24.82
C LEU C 157 -9.90 -4.85 24.86
N THR C 158 -10.77 -5.55 24.13
CA THR C 158 -12.24 -5.27 24.13
C THR C 158 -12.74 -5.32 25.57
N ARG C 159 -12.31 -6.28 26.37
CA ARG C 159 -12.84 -6.46 27.75
C ARG C 159 -12.41 -5.36 28.74
N VAL C 160 -11.26 -4.71 28.57
CA VAL C 160 -10.81 -3.59 29.45
C VAL C 160 -11.33 -2.25 28.88
N GLY C 161 -12.11 -2.25 27.80
CA GLY C 161 -12.85 -1.07 27.29
C GLY C 161 -12.22 -0.41 26.06
N ALA C 162 -11.14 -0.98 25.56
CA ALA C 162 -10.42 -0.42 24.41
C ALA C 162 -11.17 -0.79 23.14
N GLU C 163 -10.90 -0.06 22.07
CA GLU C 163 -11.19 -0.44 20.67
C GLU C 163 -9.94 -1.09 20.06
N PRO C 164 -9.92 -2.44 19.91
CA PRO C 164 -8.77 -3.13 19.33
C PRO C 164 -8.71 -2.83 17.83
N ILE C 165 -7.50 -2.52 17.36
CA ILE C 165 -7.16 -2.36 15.91
C ILE C 165 -6.15 -3.48 15.60
N GLY C 166 -6.57 -4.54 14.91
CA GLY C 166 -5.65 -5.63 14.56
C GLY C 166 -4.71 -5.18 13.44
N PRO C 168 -0.30 -5.97 11.99
CA PRO C 168 0.99 -6.56 12.30
C PRO C 168 1.94 -5.54 12.94
N VAL C 169 2.97 -6.06 13.60
CA VAL C 169 3.78 -5.25 14.56
C VAL C 169 4.54 -4.11 13.84
N PRO C 170 5.08 -4.28 12.62
CA PRO C 170 5.81 -3.19 11.98
C PRO C 170 5.00 -1.91 11.67
N ALA C 171 3.69 -2.06 11.44
CA ALA C 171 2.70 -0.99 11.11
C ALA C 171 2.48 -0.06 12.30
N ILE C 172 2.93 -0.41 13.49
CA ILE C 172 2.66 0.36 14.75
C ILE C 172 3.21 1.79 14.59
N SER C 173 4.43 1.95 14.13
CA SER C 173 5.10 3.27 14.11
C SER C 173 4.30 4.27 13.25
N GLU C 174 3.86 3.86 12.05
CA GLU C 174 3.02 4.69 11.15
C GLU C 174 1.66 4.98 11.81
N ALA C 175 0.98 3.97 12.32
CA ALA C 175 -0.35 4.14 12.96
C ALA C 175 -0.25 5.12 14.14
N LEU C 176 0.78 5.04 15.01
CA LEU C 176 0.93 6.00 16.14
C LEU C 176 1.19 7.39 15.57
N SER C 177 2.16 7.53 14.66
CA SER C 177 2.54 8.84 14.06
C SER C 177 1.30 9.52 13.45
N LYS C 178 0.51 8.79 12.67
CA LYS C 178 -0.65 9.35 11.92
C LYS C 178 -1.86 9.58 12.82
N GLY C 179 -1.83 9.10 14.06
CA GLY C 179 -2.96 9.18 15.02
C GLY C 179 -4.07 8.16 14.76
N VAL C 180 -3.83 7.10 13.96
CA VAL C 180 -4.80 6.01 13.70
C VAL C 180 -5.07 5.24 15.01
N ILE C 181 -4.07 5.04 15.86
CA ILE C 181 -4.24 4.35 17.17
C ILE C 181 -3.81 5.32 18.27
N ASP C 182 -4.36 5.22 19.47
CA ASP C 182 -3.88 5.97 20.68
C ASP C 182 -2.72 5.27 21.38
N GLY C 183 -2.37 4.04 20.99
CA GLY C 183 -1.38 3.26 21.75
C GLY C 183 -1.39 1.84 21.24
N THR C 184 -0.54 1.00 21.81
CA THR C 184 -0.34 -0.37 21.31
C THR C 184 0.07 -1.31 22.45
N THR C 185 -0.23 -2.59 22.26
CA THR C 185 0.39 -3.70 22.98
C THR C 185 1.68 -4.05 22.24
N ILE C 186 2.73 -4.34 23.01
CA ILE C 186 3.97 -5.10 22.64
C ILE C 186 4.77 -5.26 23.93
N PRO C 187 5.72 -6.22 23.98
CA PRO C 187 6.67 -6.29 25.08
C PRO C 187 7.66 -5.12 24.90
N TRP C 188 8.46 -4.85 25.93
CA TRP C 188 9.53 -3.83 25.91
C TRP C 188 10.42 -4.03 24.69
N GLU C 189 10.88 -5.24 24.42
CA GLU C 189 12.12 -5.43 23.62
C GLU C 189 11.96 -4.73 22.27
N VAL C 190 10.78 -4.83 21.66
CA VAL C 190 10.53 -4.40 20.26
C VAL C 190 10.15 -2.91 20.17
N THR C 191 9.96 -2.21 21.29
CA THR C 191 9.65 -0.76 21.34
C THR C 191 10.78 0.07 20.72
N SER C 192 12.05 -0.30 20.94
CA SER C 192 13.26 0.38 20.42
C SER C 192 13.23 0.44 18.89
N ALA C 193 13.12 -0.70 18.24
CA ALA C 193 13.08 -0.81 16.76
C ALA C 193 11.89 -0.03 16.17
N LEU C 194 10.77 0.04 16.87
CA LEU C 194 9.53 0.66 16.34
C LEU C 194 9.45 2.14 16.73
N LYS C 195 10.40 2.66 17.52
CA LYS C 195 10.50 4.07 17.96
C LYS C 195 9.33 4.43 18.89
N VAL C 196 8.75 3.43 19.54
CA VAL C 196 7.55 3.64 20.38
C VAL C 196 7.84 4.64 21.49
N PRO C 197 9.00 4.61 22.20
CA PRO C 197 9.25 5.59 23.27
C PRO C 197 9.35 7.05 22.79
N GLU C 198 9.63 7.24 21.49
CA GLU C 198 9.67 8.58 20.85
C GLU C 198 8.28 8.97 20.35
N LEU C 199 7.38 8.02 20.15
CA LEU C 199 6.06 8.29 19.54
C LEU C 199 4.98 8.47 20.62
N VAL C 200 5.10 7.77 21.76
CA VAL C 200 4.21 7.91 22.95
C VAL C 200 5.08 8.20 24.17
N GLY C 201 4.47 8.77 25.22
CA GLY C 201 5.25 9.10 26.43
C GLY C 201 4.82 8.29 27.64
N ASN C 202 3.94 7.30 27.49
CA ASN C 202 3.43 6.53 28.65
C ASN C 202 3.50 5.01 28.34
N HIS C 203 3.79 4.23 29.38
CA HIS C 203 4.00 2.77 29.43
C HIS C 203 3.31 2.21 30.69
N THR C 204 2.60 1.07 30.57
CA THR C 204 1.95 0.37 31.68
C THR C 204 2.43 -1.09 31.69
N GLU C 205 3.23 -1.43 32.70
CA GLU C 205 3.82 -2.76 32.88
C GLU C 205 3.17 -3.36 34.13
N PHE C 206 3.29 -4.68 34.30
CA PHE C 206 2.68 -5.47 35.38
C PHE C 206 3.73 -6.33 36.08
N ASP C 207 3.76 -6.21 37.41
CA ASP C 207 4.47 -7.16 38.30
C ASP C 207 3.74 -8.52 38.24
N GLY C 208 4.48 -9.60 38.31
CA GLY C 208 3.92 -10.94 38.46
C GLY C 208 3.72 -11.58 37.10
N PRO C 209 2.65 -12.40 36.91
CA PRO C 209 2.41 -13.01 35.61
C PRO C 209 2.14 -11.95 34.51
N ALA C 210 2.56 -12.28 33.29
CA ALA C 210 2.42 -11.37 32.13
C ALA C 210 0.92 -11.22 31.81
N LEU C 211 0.47 -9.98 31.66
CA LEU C 211 -0.85 -9.65 31.06
C LEU C 211 -1.15 -10.60 29.88
N TYR C 212 -0.21 -10.73 28.93
CA TYR C 212 -0.32 -11.66 27.76
C TYR C 212 1.09 -11.86 27.22
N ASN C 213 1.33 -12.94 26.52
CA ASN C 213 2.48 -13.01 25.58
C ASN C 213 1.98 -13.76 24.36
N LEU C 214 2.63 -13.54 23.23
CA LEU C 214 2.25 -14.16 21.96
C LEU C 214 3.24 -15.26 21.60
N THR C 215 2.78 -16.17 20.78
CA THR C 215 3.55 -17.33 20.32
C THR C 215 4.09 -17.07 18.91
N PHE C 216 5.29 -17.59 18.71
CA PHE C 216 6.10 -17.50 17.49
C PHE C 216 6.50 -18.93 17.08
N VAL C 217 6.80 -19.11 15.80
CA VAL C 217 7.53 -20.28 15.27
C VAL C 217 8.69 -19.77 14.42
N LEU C 218 9.75 -20.58 14.36
CA LEU C 218 10.67 -20.70 13.22
C LEU C 218 10.24 -21.97 12.49
N ALA C 219 9.77 -21.81 11.26
CA ALA C 219 9.06 -22.85 10.48
C ALA C 219 9.72 -22.99 9.11
N ASN C 221 9.83 -24.99 5.13
CA ASN C 221 9.16 -25.75 4.08
C ASN C 221 9.48 -27.25 4.25
N LYS C 222 8.47 -28.12 4.23
CA LYS C 222 8.61 -29.61 4.39
C LYS C 222 9.49 -30.17 3.27
N ASP C 223 9.07 -30.03 2.00
CA ASP C 223 9.83 -30.51 0.81
C ASP C 223 11.31 -30.11 0.94
N ALA C 224 11.58 -28.83 1.19
CA ALA C 224 12.97 -28.32 1.33
C ALA C 224 13.74 -29.13 2.37
N TYR C 225 13.17 -29.37 3.56
CA TYR C 225 13.83 -30.16 4.64
C TYR C 225 14.04 -31.62 4.19
N GLU C 226 13.08 -32.19 3.47
CA GLU C 226 13.05 -33.64 3.17
C GLU C 226 13.89 -33.91 1.91
N SER C 227 14.10 -32.90 1.07
CA SER C 227 15.00 -32.96 -0.11
C SER C 227 16.43 -32.62 0.32
N LEU C 228 16.87 -33.12 1.47
CA LEU C 228 18.18 -32.76 2.07
C LEU C 228 18.86 -34.04 2.56
N PRO C 229 20.14 -34.27 2.24
CA PRO C 229 20.86 -35.43 2.81
C PRO C 229 20.46 -35.66 4.28
N GLU C 230 20.11 -36.91 4.60
CA GLU C 230 19.68 -37.33 5.96
C GLU C 230 20.66 -36.80 7.03
N ASP C 231 21.91 -36.46 6.67
CA ASP C 231 22.92 -35.96 7.66
C ASP C 231 22.82 -34.44 7.82
N LEU C 232 22.38 -33.71 6.77
CA LEU C 232 22.14 -32.24 6.79
C LEU C 232 20.84 -31.96 7.55
N GLN C 233 19.82 -32.81 7.36
CA GLN C 233 18.63 -32.88 8.25
C GLN C 233 19.07 -32.96 9.71
N GLU C 234 20.05 -33.81 10.04
CA GLU C 234 20.54 -34.00 11.43
C GLU C 234 21.21 -32.72 11.89
N VAL C 235 21.88 -32.00 10.99
CA VAL C 235 22.43 -30.65 11.32
C VAL C 235 21.27 -29.73 11.72
N ILE C 236 20.25 -29.58 10.84
CA ILE C 236 19.03 -28.74 11.08
C ILE C 236 18.44 -29.15 12.44
N ASP C 237 17.96 -30.39 12.61
CA ASP C 237 17.29 -30.85 13.86
C ASP C 237 18.17 -30.60 15.09
N SER C 238 19.48 -30.86 14.99
CA SER C 238 20.45 -30.80 16.11
C SER C 238 20.68 -29.35 16.56
N GLN C 239 20.50 -28.36 15.67
CA GLN C 239 20.58 -26.90 16.00
C GLN C 239 19.18 -26.35 16.39
N SER C 240 18.15 -27.18 16.30
CA SER C 240 16.73 -26.80 16.43
C SER C 240 16.10 -27.45 17.67
N GLY C 241 14.80 -27.22 17.88
CA GLY C 241 14.03 -27.98 18.86
C GLY C 241 14.06 -27.34 20.21
N LEU C 242 14.24 -28.14 21.26
CA LEU C 242 13.95 -27.74 22.66
C LEU C 242 14.89 -26.64 23.15
N ALA C 243 16.21 -26.85 23.08
CA ALA C 243 17.20 -25.93 23.71
C ALA C 243 17.18 -24.61 22.92
N PHE C 244 17.09 -24.70 21.60
CA PHE C 244 16.92 -23.51 20.74
C PHE C 244 15.68 -22.71 21.18
N SER C 245 14.56 -23.40 21.43
CA SER C 245 13.25 -22.76 21.72
C SER C 245 13.38 -21.95 23.00
N ILE C 246 13.88 -22.57 24.05
CA ILE C 246 14.22 -21.95 25.37
C ILE C 246 15.13 -20.72 25.18
N PHE C 247 16.21 -20.84 24.43
CA PHE C 247 17.20 -19.75 24.21
C PHE C 247 16.50 -18.55 23.54
N ALA C 248 15.69 -18.84 22.52
CA ALA C 248 14.98 -17.82 21.72
C ALA C 248 14.01 -17.03 22.62
N GLY C 249 13.16 -17.71 23.37
CA GLY C 249 12.25 -17.07 24.35
C GLY C 249 13.06 -16.30 25.40
N GLY C 250 14.11 -16.90 25.93
CA GLY C 250 15.00 -16.29 26.93
C GLY C 250 15.69 -15.03 26.39
N THR C 251 16.31 -15.09 25.22
CA THR C 251 17.00 -13.93 24.62
C THR C 251 15.98 -12.83 24.28
N GLN C 252 14.78 -13.19 23.81
CA GLN C 252 13.73 -12.19 23.48
C GLN C 252 13.26 -11.48 24.75
N ALA C 253 12.97 -12.23 25.80
CA ALA C 253 12.50 -11.66 27.09
C ALA C 253 13.60 -10.79 27.72
N ASP C 254 14.84 -11.23 27.61
CA ASP C 254 15.96 -10.53 28.30
C ASP C 254 16.23 -9.19 27.57
N ALA C 255 15.93 -9.07 26.28
CA ALA C 255 16.01 -7.80 25.50
C ALA C 255 15.02 -6.74 26.01
N ASP C 256 14.06 -7.08 26.86
CA ASP C 256 13.20 -6.07 27.53
C ASP C 256 14.06 -5.00 28.25
N GLY C 257 15.08 -5.40 29.00
CA GLY C 257 15.79 -4.49 29.93
C GLY C 257 16.36 -3.25 29.23
N PRO C 258 17.24 -3.38 28.21
CA PRO C 258 17.79 -2.18 27.58
C PRO C 258 16.67 -1.32 26.95
N ALA C 259 15.59 -1.93 26.48
CA ALA C 259 14.50 -1.18 25.79
C ALA C 259 13.74 -0.33 26.83
N ARG C 260 13.36 -0.91 27.97
CA ARG C 260 12.82 -0.16 29.14
C ARG C 260 13.75 1.01 29.53
N GLN C 261 15.07 0.82 29.56
CA GLN C 261 16.04 1.85 30.05
C GLN C 261 16.00 3.03 29.08
N ILE C 262 15.84 2.78 27.79
CA ILE C 262 15.73 3.88 26.80
C ILE C 262 14.50 4.75 27.13
N ALA C 263 13.34 4.17 27.40
CA ALA C 263 12.14 4.93 27.80
C ALA C 263 12.38 5.66 29.14
N VAL C 264 13.05 5.03 30.11
CA VAL C 264 13.35 5.71 31.41
C VAL C 264 14.27 6.89 31.12
N ASP C 265 15.34 6.70 30.33
CA ASP C 265 16.38 7.73 30.09
C ASP C 265 15.79 8.91 29.28
N ARG C 266 14.73 8.70 28.50
CA ARG C 266 14.02 9.81 27.80
C ARG C 266 13.05 10.53 28.75
N GLY C 267 12.80 10.04 29.96
CA GLY C 267 11.87 10.73 30.88
C GLY C 267 10.40 10.42 30.62
N ASN C 268 10.07 9.32 29.93
CA ASN C 268 8.68 8.84 29.69
C ASN C 268 8.09 8.35 31.02
N ASN C 269 6.76 8.38 31.19
CA ASN C 269 6.08 7.93 32.43
C ASN C 269 5.78 6.43 32.31
N ILE C 270 6.28 5.64 33.24
CA ILE C 270 6.01 4.19 33.32
C ILE C 270 5.20 3.94 34.60
N VAL C 271 3.98 3.42 34.46
CA VAL C 271 3.17 2.88 35.59
C VAL C 271 3.53 1.41 35.73
N THR C 272 3.99 1.02 36.91
CA THR C 272 4.15 -0.40 37.28
C THR C 272 2.95 -0.81 38.15
N VAL C 273 2.13 -1.73 37.64
CA VAL C 273 0.96 -2.25 38.37
C VAL C 273 1.50 -3.38 39.27
N SER C 274 1.38 -3.22 40.59
CA SER C 274 1.67 -4.28 41.59
C SER C 274 0.80 -5.51 41.29
N GLN C 275 1.23 -6.66 41.78
CA GLN C 275 0.41 -7.90 41.77
C GLN C 275 -0.93 -7.63 42.45
N GLU C 276 -0.95 -6.86 43.54
CA GLU C 276 -2.22 -6.50 44.25
C GLU C 276 -3.18 -5.78 43.26
N ASP C 277 -2.72 -4.74 42.56
CA ASP C 277 -3.55 -3.91 41.65
C ASP C 277 -3.92 -4.67 40.35
N ALA C 278 -3.19 -5.73 40.00
CA ALA C 278 -3.41 -6.56 38.78
C ALA C 278 -4.73 -7.33 38.88
N LYS C 279 -5.29 -7.52 40.08
CA LYS C 279 -6.54 -8.34 40.29
C LYS C 279 -7.76 -7.66 39.67
N ALA C 280 -7.87 -6.34 39.73
CA ALA C 280 -8.91 -5.59 38.98
C ALA C 280 -8.80 -5.83 37.46
N TRP C 281 -7.58 -5.92 36.93
CA TRP C 281 -7.32 -6.28 35.51
C TRP C 281 -7.72 -7.74 35.26
N ASP C 282 -7.20 -8.65 36.07
CA ASP C 282 -7.53 -10.11 36.02
C ASP C 282 -9.05 -10.32 36.03
N ALA C 283 -9.79 -9.57 36.85
CA ALA C 283 -11.25 -9.75 36.99
C ALA C 283 -11.89 -9.48 35.63
N LEU C 284 -11.44 -8.48 34.90
CA LEU C 284 -12.02 -8.12 33.59
C LEU C 284 -11.61 -9.13 32.51
N VAL C 285 -10.42 -9.74 32.59
CA VAL C 285 -9.88 -10.52 31.43
C VAL C 285 -9.95 -12.04 31.67
N ASN C 286 -10.02 -12.49 32.93
CA ASN C 286 -10.19 -13.92 33.32
C ASN C 286 -11.35 -14.62 32.58
N PRO C 287 -12.51 -13.98 32.29
CA PRO C 287 -13.59 -14.67 31.59
C PRO C 287 -13.14 -15.26 30.26
N ILE C 288 -12.05 -14.73 29.67
CA ILE C 288 -11.50 -15.30 28.40
C ILE C 288 -11.23 -16.82 28.55
N TYR C 289 -10.75 -17.28 29.71
CA TYR C 289 -10.44 -18.72 29.94
C TYR C 289 -11.66 -19.59 29.63
N GLU C 290 -12.81 -19.27 30.23
CA GLU C 290 -14.08 -20.00 29.99
C GLU C 290 -14.46 -19.94 28.52
N THR C 291 -14.52 -18.77 27.84
CA THR C 291 -14.96 -18.76 26.41
C THR C 291 -13.95 -19.50 25.52
N TRP C 292 -12.66 -19.44 25.85
CA TRP C 292 -11.61 -20.14 25.10
C TRP C 292 -11.76 -21.66 25.28
N VAL C 293 -11.88 -22.11 26.53
CA VAL C 293 -12.05 -23.56 26.80
C VAL C 293 -13.29 -24.12 26.06
N ALA C 294 -14.41 -23.40 26.05
CA ALA C 294 -15.65 -23.80 25.34
C ALA C 294 -15.41 -23.89 23.84
N GLU C 295 -14.74 -22.90 23.25
N GLU C 295 -14.77 -22.83 23.33
CA GLU C 295 -14.50 -22.90 21.77
CA GLU C 295 -14.34 -22.68 21.91
C GLU C 295 -13.54 -24.03 21.43
C GLU C 295 -13.57 -23.93 21.50
N ASN C 297 -13.17 -26.92 22.96
CA ASN C 297 -13.91 -28.17 23.12
C ASN C 297 -14.90 -28.33 21.96
N ASP C 298 -15.49 -27.23 21.46
CA ASP C 298 -16.37 -27.29 20.26
C ASP C 298 -15.53 -27.64 19.02
N LYS C 299 -14.22 -27.38 18.99
CA LYS C 299 -13.32 -27.83 17.89
C LYS C 299 -12.68 -29.21 18.20
N GLY C 300 -13.10 -29.93 19.24
CA GLY C 300 -12.56 -31.27 19.56
C GLY C 300 -11.27 -31.19 20.36
N ILE C 301 -10.90 -30.02 20.86
CA ILE C 301 -9.62 -29.83 21.62
C ILE C 301 -9.91 -29.66 23.12
N ASP C 302 -9.12 -30.34 23.93
CA ASP C 302 -9.21 -30.35 25.41
C ASP C 302 -8.48 -29.13 25.97
N GLY C 303 -9.13 -27.98 25.92
CA GLY C 303 -8.49 -26.71 26.30
C GLY C 303 -7.99 -26.77 27.73
N GLN C 304 -8.80 -27.31 28.66
CA GLN C 304 -8.41 -27.33 30.10
C GLN C 304 -7.16 -28.19 30.21
N ALA C 305 -7.11 -29.30 29.48
CA ALA C 305 -5.97 -30.24 29.58
C ALA C 305 -4.70 -29.49 29.09
N LEU C 306 -4.81 -28.70 28.03
CA LEU C 306 -3.68 -27.85 27.57
C LEU C 306 -3.28 -26.87 28.65
N ILE C 307 -4.24 -26.22 29.28
CA ILE C 307 -3.93 -25.28 30.41
C ILE C 307 -3.18 -26.03 31.51
N ASP C 308 -3.71 -27.19 31.92
CA ASP C 308 -3.13 -27.93 33.07
C ASP C 308 -1.71 -28.32 32.68
N GLU C 309 -1.55 -28.88 31.50
CA GLU C 309 -0.22 -29.39 31.09
C GLU C 309 0.75 -28.19 30.97
N ALA C 310 0.31 -27.05 30.41
CA ALA C 310 1.19 -25.85 30.35
C ALA C 310 1.61 -25.45 31.77
N LYS C 311 0.71 -25.40 32.76
CA LYS C 311 1.13 -25.05 34.16
C LYS C 311 2.22 -26.03 34.67
N SER C 312 2.01 -27.33 34.48
CA SER C 312 2.89 -28.39 35.04
C SER C 312 4.24 -28.39 34.30
N LEU C 313 4.26 -28.15 33.00
CA LEU C 313 5.55 -28.19 32.27
C LEU C 313 6.38 -26.96 32.66
N GLU C 315 6.30 -25.42 35.52
CA GLU C 315 6.82 -25.71 36.85
C GLU C 315 8.07 -26.61 36.75
N GLU C 316 8.09 -27.57 35.83
CA GLU C 316 9.11 -28.65 35.73
C GLU C 316 10.40 -28.06 35.13
N TYR C 317 10.28 -26.96 34.38
CA TYR C 317 11.44 -26.33 33.69
C TYR C 317 12.52 -25.95 34.69
N ASP C 318 13.77 -26.24 34.34
CA ASP C 318 14.94 -25.93 35.21
C ASP C 318 16.00 -25.25 34.36
N PRO C 319 16.51 -24.07 34.82
CA PRO C 319 17.51 -23.30 34.07
C PRO C 319 18.76 -24.02 33.53
N SER C 320 18.97 -25.30 33.88
CA SER C 320 20.07 -26.15 33.37
C SER C 320 19.64 -26.90 32.11
N ASP C 322 18.72 -25.00 29.74
CA ASP C 322 19.06 -23.91 28.85
C ASP C 322 20.55 -23.99 28.49
N THR C 323 20.92 -24.79 27.48
CA THR C 323 22.31 -25.10 27.06
C THR C 323 22.65 -24.46 25.71
N TYR C 324 21.67 -24.06 24.93
CA TYR C 324 21.93 -23.76 23.49
C TYR C 324 23.28 -23.05 23.29
N VAL D 4 14.89 21.34 21.61
CA VAL D 4 14.35 21.21 20.16
C VAL D 4 14.58 19.78 19.59
N THR D 5 13.52 19.09 19.20
CA THR D 5 13.55 17.74 18.56
C THR D 5 13.12 17.86 17.09
N LEU D 6 13.99 17.53 16.16
CA LEU D 6 13.67 17.46 14.72
C LEU D 6 13.55 15.98 14.32
N THR D 7 12.54 15.62 13.51
CA THR D 7 12.39 14.25 12.96
C THR D 7 13.02 14.22 11.57
N LEU D 8 13.83 13.19 11.30
CA LEU D 8 14.40 12.88 9.97
C LEU D 8 13.80 11.56 9.49
N HIS D 9 13.18 11.58 8.32
CA HIS D 9 12.56 10.43 7.64
C HIS D 9 13.38 10.13 6.38
N GLN D 10 13.71 8.85 6.14
CA GLN D 10 14.33 8.39 4.86
C GLN D 10 13.92 6.93 4.59
N PHE D 11 14.37 6.34 3.49
CA PHE D 11 13.69 5.21 2.78
C PHE D 11 14.52 3.93 2.75
N LEU D 12 15.68 3.91 3.42
CA LEU D 12 16.54 2.70 3.56
C LEU D 12 16.74 2.36 5.02
N PRO D 13 17.27 1.16 5.32
CA PRO D 13 17.48 0.75 6.71
C PRO D 13 18.48 1.65 7.43
N ALA D 14 18.37 1.77 8.76
CA ALA D 14 19.30 2.58 9.57
C ALA D 14 20.74 2.09 9.36
N GLN D 15 20.95 0.82 9.02
CA GLN D 15 22.33 0.29 8.88
C GLN D 15 22.87 0.52 7.47
N ALA D 16 22.05 0.85 6.47
CA ALA D 16 22.54 1.01 5.05
C ALA D 16 23.63 2.09 5.01
N ASN D 17 24.39 2.25 3.92
CA ASN D 17 25.67 3.02 3.98
C ASN D 17 25.42 4.51 4.22
N VAL D 18 24.50 5.14 3.47
CA VAL D 18 24.21 6.61 3.56
C VAL D 18 23.58 6.94 4.92
N PRO D 19 22.56 6.20 5.42
CA PRO D 19 22.04 6.51 6.75
C PRO D 19 23.13 6.42 7.82
N LYS D 20 24.01 5.41 7.81
CA LYS D 20 25.00 5.22 8.91
C LYS D 20 26.19 6.19 8.76
N ASP D 21 26.78 6.29 7.59
CA ASP D 21 28.07 7.01 7.38
C ASP D 21 27.85 8.46 6.88
N VAL D 22 26.66 8.85 6.46
CA VAL D 22 26.38 10.23 5.95
C VAL D 22 25.34 10.91 6.84
N LEU D 23 24.11 10.40 6.87
CA LEU D 23 23.02 11.06 7.62
C LEU D 23 23.33 11.10 9.12
N ASP D 24 23.75 10.00 9.74
CA ASP D 24 24.02 9.98 11.21
C ASP D 24 25.24 10.86 11.55
N VAL D 25 26.22 10.95 10.66
CA VAL D 25 27.38 11.86 10.86
C VAL D 25 26.86 13.31 10.87
N TRP D 26 26.10 13.67 9.84
CA TRP D 26 25.43 14.98 9.76
C TRP D 26 24.63 15.25 11.03
N ALA D 27 23.71 14.35 11.42
CA ALA D 27 22.79 14.56 12.56
C ALA D 27 23.58 14.76 13.87
N ASP D 28 24.56 13.90 14.13
CA ASP D 28 25.38 13.94 15.37
C ASP D 28 26.22 15.22 15.38
N ASN D 29 26.75 15.65 14.24
CA ASN D 29 27.49 16.94 14.18
C ASN D 29 26.56 18.09 14.55
N VAL D 30 25.30 18.02 14.11
CA VAL D 30 24.30 19.08 14.45
C VAL D 30 24.01 18.98 15.96
N GLU D 31 23.73 17.79 16.48
CA GLU D 31 23.57 17.54 17.94
C GLU D 31 24.81 18.08 18.69
N GLU D 32 26.03 17.68 18.30
CA GLU D 32 27.32 18.18 18.87
C GLU D 32 27.35 19.71 18.84
N ALA D 33 27.29 20.33 17.66
CA ALA D 33 27.53 21.78 17.50
C ALA D 33 26.43 22.59 18.22
N SER D 34 25.25 22.01 18.50
CA SER D 34 24.14 22.72 19.19
C SER D 34 24.31 22.64 20.72
N ASP D 35 25.38 21.99 21.24
CA ASP D 35 25.62 21.64 22.68
C ASP D 35 24.45 20.80 23.21
N GLY D 36 23.88 19.93 22.37
CA GLY D 36 22.78 19.01 22.75
C GLY D 36 21.44 19.73 22.85
N ARG D 37 21.34 20.96 22.33
CA ARG D 37 20.08 21.75 22.31
C ARG D 37 19.16 21.22 21.22
N ILE D 38 19.72 20.72 20.11
CA ILE D 38 18.96 20.01 19.03
C ILE D 38 19.15 18.49 19.20
N GLU D 39 18.04 17.78 19.18
CA GLU D 39 18.03 16.30 19.10
C GLU D 39 17.38 15.91 17.77
N ILE D 40 18.00 15.01 17.00
CA ILE D 40 17.45 14.55 15.71
C ILE D 40 17.04 13.08 15.82
N GLU D 41 15.75 12.81 15.83
CA GLU D 41 15.19 11.43 15.80
C GLU D 41 15.16 10.98 14.34
N ARG D 42 15.71 9.80 14.05
CA ARG D 42 15.93 9.32 12.67
C ARG D 42 14.98 8.14 12.43
N TYR D 43 14.14 8.23 11.40
CA TYR D 43 13.15 7.18 11.06
C TYR D 43 13.56 6.56 9.73
N PRO D 44 14.03 5.31 9.76
CA PRO D 44 14.36 4.60 8.52
C PRO D 44 13.19 3.92 7.77
N SER D 45 13.45 3.49 6.53
CA SER D 45 12.56 2.60 5.74
C SER D 45 11.11 3.08 5.79
N GLN D 47 9.34 4.34 7.88
CA GLN D 47 8.75 3.76 9.08
C GLN D 47 7.50 4.54 9.47
N LEU D 48 7.50 5.86 9.29
CA LEU D 48 6.36 6.77 9.62
C LEU D 48 5.27 6.69 8.54
N GLY D 49 5.45 5.88 7.50
CA GLY D 49 4.43 5.71 6.45
C GLY D 49 4.75 6.53 5.21
N GLY D 50 4.16 6.10 4.09
CA GLY D 50 4.27 6.79 2.80
C GLY D 50 5.21 6.01 1.94
N THR D 51 5.37 6.45 0.70
CA THR D 51 6.26 5.83 -0.29
C THR D 51 7.39 6.83 -0.45
N PRO D 52 8.58 6.39 -0.86
CA PRO D 52 9.73 7.30 -1.00
C PRO D 52 9.47 8.55 -1.81
N PRO D 53 8.73 8.46 -2.96
CA PRO D 53 8.40 9.65 -3.76
C PRO D 53 7.71 10.77 -2.98
N GLU D 54 7.08 10.47 -1.82
CA GLU D 54 6.34 11.50 -1.03
C GLU D 54 7.24 12.22 -0.03
N LEU D 55 8.47 11.76 0.16
CA LEU D 55 9.40 12.35 1.16
C LEU D 55 9.53 13.86 1.01
N ASP D 57 7.43 16.06 -0.18
CA ASP D 57 6.22 16.73 0.31
C ASP D 57 6.04 16.52 1.81
N GLN D 58 6.56 15.43 2.39
CA GLN D 58 6.56 15.25 3.88
C GLN D 58 7.32 16.38 4.54
N ALA D 59 8.49 16.75 4.01
CA ALA D 59 9.29 17.89 4.50
C ALA D 59 8.57 19.23 4.23
N ILE D 60 8.08 19.48 3.02
CA ILE D 60 7.43 20.80 2.74
C ILE D 60 6.19 20.94 3.65
N ASP D 61 5.38 19.90 3.79
CA ASP D 61 4.14 19.93 4.63
C ASP D 61 4.48 19.92 6.14
N GLY D 62 5.67 19.48 6.56
CA GLY D 62 6.06 19.42 7.99
C GLY D 62 5.57 18.15 8.67
N ILE D 63 5.24 17.11 7.91
CA ILE D 63 5.02 15.74 8.46
C ILE D 63 6.35 15.22 9.03
N ALA D 64 7.46 15.46 8.35
CA ALA D 64 8.84 15.24 8.85
C ALA D 64 9.54 16.58 8.77
N ASP D 65 10.52 16.83 9.65
CA ASP D 65 11.30 18.09 9.62
C ASP D 65 12.34 17.99 8.50
N ILE D 66 12.96 16.83 8.34
CA ILE D 66 14.13 16.60 7.46
C ILE D 66 13.87 15.29 6.73
N VAL D 67 14.17 15.25 5.43
CA VAL D 67 14.13 14.01 4.60
C VAL D 67 15.42 13.92 3.78
N TRP D 68 15.84 12.68 3.55
CA TRP D 68 16.79 12.35 2.49
C TRP D 68 16.00 11.62 1.43
N THR D 69 16.01 12.15 0.20
CA THR D 69 15.19 11.59 -0.91
C THR D 69 15.97 11.69 -2.22
N VAL D 70 15.51 10.91 -3.19
CA VAL D 70 15.98 10.89 -4.61
C VAL D 70 15.14 11.93 -5.37
N VAL D 71 15.77 12.88 -6.02
CA VAL D 71 15.06 14.02 -6.65
C VAL D 71 14.21 13.47 -7.80
N GLY D 72 14.75 12.50 -8.50
CA GLY D 72 14.10 11.85 -9.66
C GLY D 72 12.78 11.17 -9.30
N TYR D 73 12.50 10.84 -8.01
CA TYR D 73 11.24 10.15 -7.64
C TYR D 73 10.04 11.09 -7.79
N THR D 74 10.25 12.40 -7.90
CA THR D 74 9.24 13.40 -8.27
C THR D 74 9.64 13.92 -9.66
N PRO D 75 9.32 13.16 -10.74
CA PRO D 75 9.87 13.43 -12.06
C PRO D 75 9.58 14.84 -12.57
N GLY D 76 10.64 15.56 -12.94
CA GLY D 76 10.52 16.82 -13.70
C GLY D 76 10.21 17.96 -12.75
N ARG D 77 10.11 17.67 -11.45
CA ARG D 77 9.71 18.70 -10.46
C ARG D 77 10.83 19.74 -10.28
N TYR D 78 12.07 19.27 -10.37
CA TYR D 78 13.34 20.03 -10.13
C TYR D 78 14.25 19.79 -11.33
N PRO D 79 13.87 20.35 -12.50
CA PRO D 79 14.47 19.96 -13.77
C PRO D 79 15.98 20.24 -13.83
N SER D 80 16.49 21.27 -13.16
CA SER D 80 17.93 21.66 -13.20
C SER D 80 18.85 20.56 -12.67
N THR D 81 18.35 19.74 -11.73
CA THR D 81 19.14 18.67 -11.09
C THR D 81 19.49 17.64 -12.16
N GLU D 82 18.70 17.55 -13.22
CA GLU D 82 18.84 16.49 -14.26
C GLU D 82 20.16 16.61 -15.05
N VAL D 83 20.76 17.80 -15.07
CA VAL D 83 22.07 18.00 -15.72
C VAL D 83 23.04 16.94 -15.20
N PHE D 84 22.98 16.59 -13.93
CA PHE D 84 23.93 15.61 -13.35
C PHE D 84 23.53 14.19 -13.73
N GLU D 85 22.33 14.00 -14.27
CA GLU D 85 21.76 12.67 -14.57
C GLU D 85 21.98 12.32 -16.05
N LEU D 86 22.52 13.25 -16.85
CA LEU D 86 22.77 12.95 -18.29
C LEU D 86 23.82 11.85 -18.40
N PRO D 87 23.78 11.08 -19.50
CA PRO D 87 24.73 10.00 -19.72
C PRO D 87 26.18 10.43 -19.84
N PHE D 88 27.04 9.59 -19.28
CA PHE D 88 28.52 9.72 -19.23
C PHE D 88 28.93 11.13 -18.84
N VAL D 90 29.64 12.30 -15.44
CA VAL D 90 30.40 12.47 -14.20
C VAL D 90 31.53 11.44 -14.12
N SER D 91 32.74 11.88 -13.74
CA SER D 91 33.93 11.02 -13.52
C SER D 91 34.33 11.00 -12.03
N ASP D 92 33.76 11.86 -11.19
CA ASP D 92 34.11 11.95 -9.76
C ASP D 92 32.88 12.47 -9.03
N ALA D 93 32.35 11.71 -8.08
CA ALA D 93 31.10 12.05 -7.33
C ALA D 93 31.35 13.30 -6.49
N ARG D 94 32.55 13.44 -5.92
CA ARG D 94 32.96 14.61 -5.11
C ARG D 94 32.89 15.89 -5.97
N ALA D 95 33.45 15.87 -7.19
CA ALA D 95 33.47 17.03 -8.12
C ALA D 95 32.04 17.36 -8.53
N ALA D 96 31.26 16.36 -8.96
CA ALA D 96 29.84 16.54 -9.30
C ALA D 96 29.07 17.17 -8.12
N SER D 97 29.34 16.73 -6.90
CA SER D 97 28.60 17.21 -5.71
C SER D 97 28.93 18.68 -5.43
N TYR D 98 30.19 19.06 -5.54
CA TYR D 98 30.66 20.47 -5.50
C TYR D 98 29.82 21.31 -6.51
N ALA D 99 29.76 20.87 -7.74
CA ALA D 99 29.09 21.60 -8.81
C ALA D 99 27.60 21.70 -8.46
N TYR D 100 27.01 20.61 -7.98
CA TYR D 100 25.55 20.55 -7.69
C TYR D 100 25.25 21.61 -6.63
N TRP D 101 26.01 21.70 -5.54
CA TRP D 101 25.71 22.68 -4.47
C TRP D 101 25.83 24.11 -5.02
N LYS D 102 26.91 24.39 -5.72
CA LYS D 102 27.17 25.71 -6.34
C LYS D 102 26.02 26.10 -7.25
N PHE D 104 22.99 24.77 -7.27
CA PHE D 104 21.74 24.83 -6.49
C PHE D 104 21.63 26.23 -5.92
N GLU D 105 22.73 26.75 -5.35
CA GLU D 105 22.76 28.11 -4.75
C GLU D 105 22.48 29.17 -5.81
N GLU D 106 23.15 29.09 -6.94
CA GLU D 106 22.96 30.04 -8.07
C GLU D 106 21.54 29.97 -8.66
N HIS D 107 21.03 28.78 -9.03
CA HIS D 107 19.90 28.67 -10.01
C HIS D 107 18.65 27.99 -9.44
N LYS D 109 17.79 27.52 -5.63
CA LYS D 109 17.39 27.80 -4.26
C LYS D 109 16.13 28.69 -4.21
N ASP D 110 15.99 29.69 -5.11
CA ASP D 110 14.90 30.71 -5.01
C ASP D 110 13.84 30.44 -6.08
N GLY D 111 13.97 29.32 -6.80
CA GLY D 111 13.12 28.92 -7.94
C GLY D 111 12.48 27.55 -7.70
N GLU D 112 12.95 26.47 -8.34
CA GLU D 112 12.32 25.14 -8.20
C GLU D 112 12.31 24.61 -6.73
N PHE D 113 13.20 25.08 -5.85
CA PHE D 113 13.33 24.66 -4.43
C PHE D 113 12.91 25.79 -3.51
N ALA D 114 12.22 26.83 -4.01
CA ALA D 114 11.81 27.99 -3.17
C ALA D 114 10.97 27.53 -1.97
N ASP D 115 10.32 26.37 -2.07
CA ASP D 115 9.37 25.79 -1.09
C ASP D 115 10.06 25.18 0.15
N VAL D 116 11.39 24.95 0.12
CA VAL D 116 12.05 23.98 1.05
C VAL D 116 13.49 24.43 1.37
N LYS D 117 14.01 24.05 2.53
CA LYS D 117 15.40 24.36 2.94
C LYS D 117 16.24 23.16 2.53
N ILE D 118 17.21 23.36 1.62
CA ILE D 118 18.12 22.29 1.16
C ILE D 118 19.42 22.37 1.96
N LEU D 119 19.72 21.27 2.65
CA LEU D 119 20.89 21.14 3.51
C LEU D 119 22.03 20.47 2.75
N GLY D 120 21.74 19.70 1.71
CA GLY D 120 22.83 19.02 0.99
C GLY D 120 22.35 18.53 -0.33
N THR D 121 23.28 18.49 -1.30
CA THR D 121 23.03 18.12 -2.71
C THR D 121 24.16 17.22 -3.21
N TRP D 122 23.91 15.96 -3.51
CA TRP D 122 25.00 15.07 -3.99
C TRP D 122 24.48 14.04 -4.97
N VAL D 123 25.44 13.34 -5.56
CA VAL D 123 25.24 12.17 -6.45
C VAL D 123 25.92 10.96 -5.82
N HIS D 124 25.51 9.78 -6.27
CA HIS D 124 26.10 8.49 -5.83
C HIS D 124 27.29 8.18 -6.74
N GLY D 125 28.01 7.09 -6.43
CA GLY D 125 29.05 6.53 -7.33
C GLY D 125 28.46 6.08 -8.66
N PRO D 126 29.28 5.49 -9.54
CA PRO D 126 28.82 5.14 -10.88
C PRO D 126 27.64 4.16 -10.92
N GLY D 127 26.57 4.62 -11.56
CA GLY D 127 25.41 3.79 -11.93
C GLY D 127 25.82 2.70 -12.92
N PHE D 129 24.85 -1.89 -14.01
CA PHE D 129 23.81 -2.88 -14.23
C PHE D 129 24.02 -4.08 -13.32
N HIS D 130 22.91 -4.69 -12.88
CA HIS D 130 22.91 -5.97 -12.10
C HIS D 130 21.71 -6.78 -12.58
N THR D 131 21.97 -7.99 -13.11
CA THR D 131 21.07 -8.69 -14.07
C THR D 131 21.09 -10.22 -13.84
N ASN D 132 19.94 -10.89 -14.04
CA ASN D 132 19.82 -12.38 -13.94
C ASN D 132 20.85 -13.02 -14.87
N LYS D 133 20.97 -12.52 -16.11
CA LYS D 133 21.83 -13.04 -17.21
C LYS D 133 22.85 -11.98 -17.66
N PRO D 134 24.06 -12.39 -18.12
CA PRO D 134 25.12 -11.44 -18.46
C PRO D 134 24.70 -10.34 -19.44
N VAL D 135 25.51 -9.27 -19.47
CA VAL D 135 25.31 -8.03 -20.27
C VAL D 135 26.70 -7.47 -20.57
N ALA D 136 27.30 -7.89 -21.68
CA ALA D 136 28.69 -7.54 -22.09
C ALA D 136 28.67 -6.36 -23.05
N VAL D 137 27.59 -6.20 -23.82
CA VAL D 137 27.46 -5.19 -24.90
C VAL D 137 26.00 -4.77 -24.87
N PRO D 138 25.64 -3.56 -25.36
CA PRO D 138 24.27 -3.03 -25.26
C PRO D 138 23.10 -3.83 -25.85
N SER D 139 23.37 -4.77 -26.75
CA SER D 139 22.31 -5.61 -27.39
C SER D 139 21.85 -6.68 -26.38
N ASP D 140 22.76 -7.07 -25.48
CA ASP D 140 22.50 -8.07 -24.40
C ASP D 140 21.37 -7.56 -23.47
N LEU D 141 20.92 -6.31 -23.57
CA LEU D 141 19.78 -5.80 -22.75
C LEU D 141 18.47 -5.79 -23.54
N GLU D 142 18.50 -6.17 -24.83
CA GLU D 142 17.29 -6.32 -25.70
C GLU D 142 16.22 -7.15 -24.98
N GLY D 143 15.02 -6.58 -24.82
CA GLY D 143 13.81 -7.26 -24.28
C GLY D 143 13.81 -7.47 -22.76
N LYS D 145 13.58 -6.57 -18.82
CA LYS D 145 12.94 -5.60 -17.94
C LYS D 145 14.00 -5.08 -16.94
N ILE D 146 14.30 -3.78 -16.96
CA ILE D 146 15.37 -3.21 -16.10
C ILE D 146 14.80 -2.03 -15.29
N ARG D 147 15.10 -2.01 -13.99
CA ARG D 147 14.55 -1.01 -13.03
C ARG D 147 15.38 0.29 -13.13
N GLY D 148 14.70 1.43 -13.29
CA GLY D 148 15.31 2.77 -13.22
C GLY D 148 14.59 3.68 -12.23
N GLY D 149 15.27 4.71 -11.72
CA GLY D 149 14.75 5.55 -10.62
C GLY D 149 14.54 7.00 -11.00
N SER D 150 14.66 7.36 -12.28
CA SER D 150 14.41 8.72 -12.78
C SER D 150 14.02 8.68 -14.27
N ARG D 151 13.34 9.72 -14.72
CA ARG D 151 12.89 9.82 -16.13
C ARG D 151 14.12 9.75 -17.04
N LEU D 152 15.30 10.21 -16.59
CA LEU D 152 16.50 10.21 -17.48
C LEU D 152 17.17 8.83 -17.47
N VAL D 153 17.11 8.10 -16.37
CA VAL D 153 17.66 6.72 -16.38
C VAL D 153 16.80 5.88 -17.32
N ASN D 154 15.50 6.12 -17.29
CA ASN D 154 14.50 5.35 -18.09
C ASN D 154 14.75 5.62 -19.58
N ASP D 155 14.91 6.89 -19.98
CA ASP D 155 15.32 7.30 -21.35
C ASP D 155 16.56 6.48 -21.75
N LEU D 156 17.58 6.45 -20.89
CA LEU D 156 18.89 5.80 -21.18
C LEU D 156 18.65 4.30 -21.41
N LEU D 157 17.79 3.68 -20.59
CA LEU D 157 17.39 2.25 -20.70
C LEU D 157 16.72 1.95 -22.05
N THR D 158 15.62 2.63 -22.38
CA THR D 158 14.89 2.58 -23.68
C THR D 158 15.89 2.64 -24.85
N ARG D 159 16.88 3.55 -24.79
CA ARG D 159 17.84 3.76 -25.90
C ARG D 159 18.89 2.62 -25.93
N VAL D 160 19.17 1.87 -24.87
CA VAL D 160 19.98 0.62 -25.04
C VAL D 160 19.03 -0.56 -25.32
N GLY D 161 17.73 -0.26 -25.51
CA GLY D 161 16.68 -1.19 -25.98
C GLY D 161 16.15 -2.10 -24.88
N ALA D 162 16.47 -1.77 -23.62
CA ALA D 162 15.93 -2.45 -22.42
C ALA D 162 14.51 -1.91 -22.22
N GLU D 163 13.67 -2.66 -21.47
CA GLU D 163 12.32 -2.19 -21.07
C GLU D 163 12.44 -1.54 -19.68
N PRO D 164 12.24 -0.20 -19.62
CA PRO D 164 12.41 0.53 -18.36
C PRO D 164 11.25 0.24 -17.42
N ILE D 165 11.52 -0.14 -16.16
CA ILE D 165 10.50 -0.18 -15.06
C ILE D 165 10.87 0.82 -13.94
N GLY D 166 10.02 1.84 -13.76
CA GLY D 166 10.16 2.92 -12.77
C GLY D 166 9.57 2.53 -11.42
N PRO D 168 10.73 2.94 -6.91
CA PRO D 168 11.70 3.29 -5.88
C PRO D 168 12.64 2.13 -5.55
N VAL D 169 13.85 2.45 -5.11
CA VAL D 169 14.97 1.49 -4.93
C VAL D 169 14.58 0.38 -3.96
N PRO D 170 13.85 0.58 -2.84
CA PRO D 170 13.68 -0.54 -1.89
C PRO D 170 12.92 -1.73 -2.50
N ALA D 171 11.97 -1.47 -3.41
CA ALA D 171 11.13 -2.49 -4.10
C ALA D 171 11.95 -3.39 -5.04
N ILE D 172 13.21 -3.08 -5.30
CA ILE D 172 14.04 -3.88 -6.22
C ILE D 172 14.01 -5.35 -5.78
N SER D 173 14.23 -5.61 -4.50
CA SER D 173 14.51 -6.96 -3.93
C SER D 173 13.32 -7.90 -4.23
N GLU D 174 12.12 -7.44 -3.91
CA GLU D 174 10.86 -8.20 -4.13
C GLU D 174 10.64 -8.40 -5.64
N ALA D 175 10.90 -7.37 -6.45
CA ALA D 175 10.63 -7.37 -7.91
C ALA D 175 11.50 -8.42 -8.59
N LEU D 176 12.79 -8.49 -8.27
CA LEU D 176 13.71 -9.51 -8.78
C LEU D 176 13.24 -10.90 -8.33
N SER D 177 12.81 -11.02 -7.07
CA SER D 177 12.43 -12.31 -6.44
C SER D 177 11.24 -12.90 -7.19
N LYS D 178 10.19 -12.11 -7.41
CA LYS D 178 9.02 -12.50 -8.24
C LYS D 178 9.29 -12.36 -9.74
N GLY D 179 10.52 -12.09 -10.18
CA GLY D 179 10.87 -11.91 -11.61
C GLY D 179 9.97 -10.94 -12.41
N VAL D 180 9.34 -9.94 -11.77
CA VAL D 180 8.75 -8.71 -12.41
C VAL D 180 9.86 -7.89 -13.10
N ILE D 181 11.14 -8.14 -12.82
CA ILE D 181 12.28 -7.48 -13.54
C ILE D 181 13.42 -8.48 -13.69
N ASP D 182 14.19 -8.39 -14.78
CA ASP D 182 15.35 -9.28 -15.03
C ASP D 182 16.61 -8.61 -14.51
N GLY D 183 16.51 -7.34 -14.10
CA GLY D 183 17.63 -6.55 -13.54
C GLY D 183 17.26 -5.13 -13.13
N THR D 184 18.26 -4.38 -12.70
CA THR D 184 18.09 -3.04 -12.08
C THR D 184 19.38 -2.25 -12.32
N THR D 185 19.22 -0.92 -12.40
CA THR D 185 20.29 0.09 -12.24
C THR D 185 20.41 0.44 -10.74
N ILE D 186 21.64 0.56 -10.26
CA ILE D 186 22.02 1.18 -8.96
C ILE D 186 23.54 1.21 -8.92
N PRO D 187 24.17 2.03 -8.08
CA PRO D 187 25.59 1.86 -7.82
C PRO D 187 25.88 0.60 -7.00
N TRP D 188 27.16 0.23 -6.92
CA TRP D 188 27.66 -0.83 -6.03
C TRP D 188 27.11 -0.67 -4.62
N GLU D 189 27.22 0.52 -4.02
CA GLU D 189 27.19 0.62 -2.55
C GLU D 189 25.87 0.04 -2.02
N VAL D 190 24.76 0.29 -2.69
CA VAL D 190 23.41 -0.03 -2.15
C VAL D 190 23.02 -1.49 -2.48
N THR D 191 23.84 -2.23 -3.25
CA THR D 191 23.57 -3.66 -3.60
C THR D 191 23.52 -4.51 -2.32
N SER D 192 24.48 -4.40 -1.41
CA SER D 192 24.54 -5.26 -0.20
C SER D 192 23.20 -5.20 0.58
N ALA D 193 22.67 -3.99 0.82
CA ALA D 193 21.46 -3.73 1.65
C ALA D 193 20.20 -4.28 0.97
N LEU D 194 20.14 -4.28 -0.37
CA LEU D 194 18.98 -4.81 -1.12
C LEU D 194 19.17 -6.30 -1.49
N LYS D 195 20.24 -6.95 -1.01
CA LYS D 195 20.56 -8.38 -1.28
C LYS D 195 20.52 -8.65 -2.79
N VAL D 196 20.91 -7.66 -3.60
CA VAL D 196 21.00 -7.78 -5.08
C VAL D 196 22.02 -8.87 -5.46
N PRO D 197 23.24 -8.98 -4.90
CA PRO D 197 24.15 -10.03 -5.36
C PRO D 197 23.68 -11.46 -5.03
N GLU D 198 22.59 -11.59 -4.26
CA GLU D 198 21.94 -12.88 -3.88
C GLU D 198 20.78 -13.19 -4.84
N LEU D 199 20.11 -12.18 -5.44
CA LEU D 199 18.98 -12.41 -6.39
C LEU D 199 19.45 -12.43 -7.85
N VAL D 200 20.70 -12.04 -8.14
CA VAL D 200 21.27 -12.04 -9.53
C VAL D 200 22.80 -12.26 -9.47
N GLY D 201 23.39 -12.83 -10.51
CA GLY D 201 24.78 -13.30 -10.51
C GLY D 201 25.66 -12.49 -11.45
N ASN D 202 25.10 -11.44 -12.08
CA ASN D 202 25.82 -10.62 -13.09
C ASN D 202 25.76 -9.11 -12.78
N HIS D 203 26.89 -8.46 -12.98
CA HIS D 203 27.14 -7.01 -12.81
C HIS D 203 27.94 -6.49 -14.02
N THR D 204 27.49 -5.37 -14.60
CA THR D 204 28.19 -4.64 -15.67
C THR D 204 28.54 -3.23 -15.20
N GLU D 205 29.80 -3.01 -14.89
CA GLU D 205 30.40 -1.71 -14.51
C GLU D 205 31.18 -1.16 -15.69
N PHE D 206 31.53 0.13 -15.62
CA PHE D 206 32.12 0.93 -16.72
C PHE D 206 33.33 1.70 -16.18
N ASP D 207 34.42 1.74 -16.96
CA ASP D 207 35.64 2.55 -16.69
C ASP D 207 35.44 3.92 -17.32
N GLY D 208 36.11 4.91 -16.72
CA GLY D 208 35.98 6.34 -17.07
C GLY D 208 34.64 6.87 -16.59
N PRO D 209 34.02 7.81 -17.33
CA PRO D 209 32.75 8.38 -16.90
C PRO D 209 31.65 7.36 -16.55
N ALA D 210 31.03 7.53 -15.37
CA ALA D 210 29.79 6.84 -14.94
C ALA D 210 28.74 6.91 -16.06
N LEU D 211 28.15 5.76 -16.38
CA LEU D 211 27.01 5.65 -17.34
C LEU D 211 25.92 6.66 -16.95
N TYR D 212 25.61 6.75 -15.65
CA TYR D 212 24.67 7.73 -15.05
C TYR D 212 24.91 7.81 -13.52
N ASN D 213 24.45 8.88 -12.88
CA ASN D 213 24.23 8.88 -11.41
C ASN D 213 23.01 9.74 -11.14
N LEU D 214 22.26 9.39 -10.11
CA LEU D 214 21.06 10.11 -9.65
C LEU D 214 21.49 11.17 -8.65
N THR D 215 20.69 12.21 -8.55
CA THR D 215 20.82 13.33 -7.60
C THR D 215 19.95 13.04 -6.39
N PHE D 216 20.45 13.46 -5.24
CA PHE D 216 19.80 13.37 -3.93
C PHE D 216 19.69 14.77 -3.37
N VAL D 217 18.80 14.95 -2.39
CA VAL D 217 18.88 16.06 -1.42
C VAL D 217 18.73 15.53 0.00
N LEU D 218 19.29 16.25 0.95
CA LEU D 218 18.81 16.33 2.34
C LEU D 218 17.99 17.62 2.38
N ALA D 219 16.68 17.56 2.62
CA ALA D 219 15.77 18.72 2.62
C ALA D 219 15.13 18.91 4.00
N ASN D 221 11.98 21.26 6.26
CA ASN D 221 10.81 22.10 6.37
C ASN D 221 11.22 23.54 6.71
N LYS D 222 10.85 24.51 5.87
CA LYS D 222 11.47 25.87 5.94
C LYS D 222 10.99 26.56 7.21
N ASP D 223 9.71 26.38 7.57
CA ASP D 223 9.08 26.94 8.78
C ASP D 223 9.83 26.43 10.01
N ALA D 224 10.17 25.14 10.03
CA ALA D 224 10.93 24.52 11.13
C ALA D 224 12.24 25.29 11.25
N TYR D 225 12.93 25.49 10.14
CA TYR D 225 14.26 26.14 10.11
C TYR D 225 14.09 27.59 10.58
N GLU D 226 13.11 28.30 10.01
CA GLU D 226 12.91 29.76 10.20
C GLU D 226 12.54 30.04 11.66
N SER D 227 11.87 29.11 12.34
CA SER D 227 11.35 29.29 13.72
C SER D 227 12.43 29.00 14.77
N LEU D 228 13.57 28.41 14.39
CA LEU D 228 14.74 28.19 15.29
C LEU D 228 15.36 29.54 15.68
N PRO D 229 15.84 29.72 16.93
CA PRO D 229 16.71 30.86 17.26
C PRO D 229 17.92 30.94 16.31
N GLU D 230 18.31 32.18 15.97
CA GLU D 230 19.38 32.53 15.00
C GLU D 230 20.62 31.66 15.22
N ASP D 231 21.00 31.42 16.48
CA ASP D 231 22.26 30.69 16.76
C ASP D 231 22.10 29.22 16.30
N LEU D 232 20.89 28.64 16.34
CA LEU D 232 20.65 27.23 15.95
C LEU D 232 20.46 27.12 14.43
N GLN D 233 19.86 28.13 13.78
CA GLN D 233 19.92 28.27 12.29
C GLN D 233 21.40 28.24 11.87
N GLU D 234 22.28 28.92 12.63
CA GLU D 234 23.74 28.97 12.29
C GLU D 234 24.36 27.58 12.52
N VAL D 235 24.02 26.90 13.61
CA VAL D 235 24.52 25.51 13.84
C VAL D 235 24.16 24.67 12.59
N ILE D 236 22.89 24.61 12.24
CA ILE D 236 22.39 23.82 11.07
C ILE D 236 23.18 24.21 9.82
N ASP D 237 23.24 25.49 9.48
CA ASP D 237 23.88 25.92 8.21
C ASP D 237 25.36 25.50 8.21
N SER D 238 26.05 25.67 9.33
CA SER D 238 27.53 25.52 9.44
C SER D 238 27.87 24.05 9.22
N GLN D 239 26.95 23.14 9.60
CA GLN D 239 27.13 21.66 9.44
C GLN D 239 26.61 21.16 8.07
N SER D 240 26.09 22.05 7.21
CA SER D 240 25.39 21.67 5.95
C SER D 240 26.04 22.39 4.77
N GLY D 241 25.49 22.24 3.57
CA GLY D 241 25.96 23.00 2.41
C GLY D 241 27.12 22.33 1.72
N LEU D 242 28.13 23.10 1.33
CA LEU D 242 29.09 22.71 0.26
C LEU D 242 29.96 21.53 0.74
N ALA D 243 30.68 21.71 1.84
CA ALA D 243 31.58 20.66 2.37
C ALA D 243 30.76 19.38 2.68
N PHE D 244 29.60 19.51 3.32
CA PHE D 244 28.74 18.34 3.64
C PHE D 244 28.38 17.61 2.34
N SER D 245 28.01 18.34 1.29
CA SER D 245 27.57 17.74 0.00
C SER D 245 28.72 16.91 -0.59
N ILE D 246 29.91 17.50 -0.62
CA ILE D 246 31.09 16.80 -1.18
C ILE D 246 31.29 15.53 -0.37
N PHE D 247 31.19 15.63 0.95
CA PHE D 247 31.42 14.55 1.93
C PHE D 247 30.38 13.45 1.73
N ALA D 248 29.15 13.84 1.38
CA ALA D 248 27.99 12.93 1.19
C ALA D 248 28.23 12.10 -0.08
N GLY D 249 28.46 12.77 -1.21
CA GLY D 249 28.80 12.13 -2.49
C GLY D 249 30.09 11.33 -2.39
N GLY D 250 31.10 11.87 -1.72
CA GLY D 250 32.39 11.18 -1.48
C GLY D 250 32.21 9.87 -0.72
N THR D 251 31.59 9.93 0.45
CA THR D 251 31.35 8.78 1.36
C THR D 251 30.51 7.74 0.62
N GLN D 252 29.51 8.19 -0.16
CA GLN D 252 28.59 7.25 -0.85
C GLN D 252 29.38 6.53 -1.96
N ALA D 253 30.21 7.25 -2.74
CA ALA D 253 31.08 6.68 -3.82
C ALA D 253 32.11 5.69 -3.25
N ASP D 254 32.79 6.06 -2.17
CA ASP D 254 33.85 5.24 -1.49
C ASP D 254 33.24 3.91 -1.03
N ALA D 255 31.93 3.90 -0.75
CA ALA D 255 31.18 2.70 -0.29
C ALA D 255 30.99 1.71 -1.43
N ASP D 256 31.23 2.09 -2.68
CA ASP D 256 31.11 1.14 -3.81
C ASP D 256 32.11 -0.01 -3.58
N GLY D 257 33.31 0.29 -3.05
CA GLY D 257 34.43 -0.65 -2.86
C GLY D 257 33.98 -1.90 -2.11
N PRO D 258 33.71 -1.81 -0.80
CA PRO D 258 33.29 -2.98 -0.02
C PRO D 258 32.13 -3.79 -0.63
N ALA D 259 31.22 -3.14 -1.35
CA ALA D 259 30.02 -3.79 -1.90
C ALA D 259 30.46 -4.63 -3.10
N ARG D 260 31.33 -4.05 -3.94
CA ARG D 260 31.96 -4.78 -5.09
C ARG D 260 32.61 -6.08 -4.59
N GLN D 261 33.47 -5.98 -3.56
CA GLN D 261 34.31 -7.07 -2.99
C GLN D 261 33.42 -8.16 -2.36
N ILE D 262 32.19 -7.84 -1.95
CA ILE D 262 31.17 -8.86 -1.56
C ILE D 262 30.73 -9.64 -2.80
N ALA D 263 30.36 -8.98 -3.90
CA ALA D 263 30.01 -9.66 -5.16
C ALA D 263 31.18 -10.55 -5.65
N VAL D 264 32.43 -10.09 -5.58
CA VAL D 264 33.63 -10.88 -6.01
C VAL D 264 33.73 -12.12 -5.10
N ASP D 265 33.85 -11.91 -3.79
CA ASP D 265 34.02 -12.96 -2.74
C ASP D 265 33.04 -14.13 -3.00
N ARG D 266 31.81 -13.88 -3.45
CA ARG D 266 30.78 -14.96 -3.59
C ARG D 266 30.66 -15.45 -5.05
N GLY D 267 31.67 -15.22 -5.89
CA GLY D 267 31.80 -15.85 -7.22
C GLY D 267 30.93 -15.20 -8.29
N ASN D 268 30.49 -13.97 -8.07
CA ASN D 268 29.56 -13.32 -9.02
C ASN D 268 30.29 -13.00 -10.33
N ASN D 269 29.54 -12.89 -11.42
CA ASN D 269 30.06 -12.56 -12.77
C ASN D 269 30.11 -11.03 -12.94
N ILE D 270 31.31 -10.43 -12.95
CA ILE D 270 31.47 -8.96 -13.16
C ILE D 270 32.11 -8.67 -14.53
N VAL D 271 31.37 -8.06 -15.45
CA VAL D 271 31.88 -7.46 -16.72
C VAL D 271 32.34 -6.02 -16.46
N THR D 272 33.63 -5.71 -16.71
CA THR D 272 34.15 -4.33 -16.78
C THR D 272 34.30 -3.90 -18.24
N VAL D 273 33.43 -3.00 -18.70
CA VAL D 273 33.53 -2.29 -20.01
C VAL D 273 34.67 -1.24 -19.96
N SER D 274 35.76 -1.45 -20.70
CA SER D 274 36.80 -0.42 -20.95
C SER D 274 36.16 0.86 -21.54
N GLN D 275 36.88 1.98 -21.53
CA GLN D 275 36.45 3.24 -22.16
C GLN D 275 36.32 3.03 -23.66
N GLU D 276 37.19 2.17 -24.21
CA GLU D 276 37.16 1.75 -25.64
C GLU D 276 35.77 1.15 -25.94
N ASP D 277 35.38 0.15 -25.15
CA ASP D 277 34.07 -0.55 -25.32
C ASP D 277 32.94 0.43 -24.97
N ALA D 278 33.15 1.34 -24.00
CA ALA D 278 32.12 2.33 -23.59
C ALA D 278 31.67 3.22 -24.77
N LYS D 279 32.47 3.34 -25.84
CA LYS D 279 32.13 4.20 -27.01
C LYS D 279 30.82 3.72 -27.63
N ALA D 280 30.64 2.41 -27.78
CA ALA D 280 29.41 1.78 -28.33
C ALA D 280 28.22 2.26 -27.49
N TRP D 281 28.39 2.26 -26.17
CA TRP D 281 27.33 2.70 -25.23
C TRP D 281 27.10 4.21 -25.43
N ASP D 282 28.16 5.02 -25.47
CA ASP D 282 28.02 6.50 -25.62
C ASP D 282 27.22 6.80 -26.90
N ALA D 283 27.44 6.00 -27.96
CA ALA D 283 26.84 6.20 -29.31
C ALA D 283 25.31 6.10 -29.25
N LEU D 284 24.76 5.22 -28.40
CA LEU D 284 23.31 4.90 -28.32
C LEU D 284 22.58 5.91 -27.43
N VAL D 285 23.26 6.37 -26.37
CA VAL D 285 22.64 7.17 -25.26
C VAL D 285 22.90 8.68 -25.46
N ASN D 286 23.96 9.05 -26.19
CA ASN D 286 24.36 10.45 -26.45
C ASN D 286 23.18 11.33 -26.86
N PRO D 287 22.26 10.85 -27.75
CA PRO D 287 21.21 11.73 -28.24
C PRO D 287 20.32 12.31 -27.13
N ILE D 288 20.43 11.80 -25.89
CA ILE D 288 19.63 12.27 -24.73
C ILE D 288 20.01 13.74 -24.45
N TYR D 289 21.29 14.11 -24.60
CA TYR D 289 21.74 15.52 -24.47
C TYR D 289 20.84 16.41 -25.32
N GLU D 290 20.64 16.08 -26.60
CA GLU D 290 19.95 17.01 -27.54
C GLU D 290 18.50 17.11 -27.11
N THR D 291 17.85 15.98 -26.87
CA THR D 291 16.40 15.89 -26.51
C THR D 291 16.12 16.65 -25.20
N TRP D 292 17.05 16.53 -24.24
CA TRP D 292 16.94 17.14 -22.89
C TRP D 292 17.11 18.66 -23.05
N VAL D 293 18.14 19.11 -23.77
CA VAL D 293 18.36 20.56 -23.99
C VAL D 293 17.10 21.12 -24.64
N ALA D 294 16.50 20.42 -25.59
CA ALA D 294 15.27 20.92 -26.26
C ALA D 294 14.13 21.01 -25.25
N GLU D 295 13.94 19.99 -24.40
CA GLU D 295 12.89 20.00 -23.33
C GLU D 295 13.08 21.22 -22.43
N ASN D 297 14.48 23.95 -23.08
CA ASN D 297 14.22 25.22 -23.77
C ASN D 297 12.70 25.44 -23.84
N ASP D 298 11.92 24.38 -24.07
CA ASP D 298 10.43 24.40 -23.98
C ASP D 298 9.99 25.02 -22.62
N LYS D 299 10.75 24.79 -21.54
CA LYS D 299 10.41 25.33 -20.18
C LYS D 299 11.03 26.71 -19.97
N GLY D 300 11.80 27.27 -20.92
CA GLY D 300 12.50 28.55 -20.75
C GLY D 300 13.70 28.39 -19.83
N ILE D 301 14.36 27.23 -19.89
CA ILE D 301 15.59 26.91 -19.12
C ILE D 301 16.71 26.74 -20.16
N ASP D 302 17.82 27.47 -20.02
CA ASP D 302 18.97 27.34 -20.94
C ASP D 302 19.75 26.06 -20.57
N GLY D 303 19.40 24.95 -21.21
CA GLY D 303 19.90 23.60 -20.92
C GLY D 303 21.39 23.54 -21.13
N GLN D 304 21.87 24.10 -22.24
CA GLN D 304 23.30 23.99 -22.61
C GLN D 304 24.14 24.75 -21.58
N ALA D 305 23.64 25.89 -21.11
CA ALA D 305 24.34 26.67 -20.06
C ALA D 305 24.55 25.80 -18.80
N LEU D 306 23.52 25.09 -18.34
CA LEU D 306 23.66 24.20 -17.15
C LEU D 306 24.70 23.12 -17.46
N ILE D 307 24.65 22.52 -18.63
CA ILE D 307 25.66 21.48 -18.98
C ILE D 307 27.07 22.08 -18.91
N ASP D 308 27.27 23.25 -19.54
CA ASP D 308 28.60 23.90 -19.64
C ASP D 308 29.07 24.29 -18.24
N GLU D 309 28.21 24.89 -17.43
CA GLU D 309 28.61 25.29 -16.07
C GLU D 309 29.00 24.05 -15.27
N ALA D 310 28.21 22.98 -15.36
CA ALA D 310 28.46 21.75 -14.58
C ALA D 310 29.82 21.18 -15.01
N LYS D 311 30.09 21.08 -16.31
CA LYS D 311 31.38 20.54 -16.79
C LYS D 311 32.49 21.44 -16.27
N SER D 312 32.26 22.77 -16.29
CA SER D 312 33.28 23.74 -15.85
C SER D 312 33.50 23.64 -14.32
N LEU D 313 32.46 23.49 -13.49
CA LEU D 313 32.68 23.47 -12.01
C LEU D 313 33.37 22.16 -11.59
N GLU D 315 35.61 20.32 -13.47
CA GLU D 315 37.05 20.45 -13.74
C GLU D 315 37.76 21.29 -12.67
N GLU D 316 37.14 22.35 -12.13
CA GLU D 316 37.70 23.35 -11.15
C GLU D 316 37.86 22.72 -9.75
N TYR D 317 36.99 21.77 -9.36
CA TYR D 317 37.06 21.03 -8.07
C TYR D 317 38.49 20.52 -7.85
N ASP D 318 39.06 20.75 -6.69
CA ASP D 318 40.33 20.18 -6.19
C ASP D 318 40.05 19.50 -4.85
N PRO D 319 40.65 18.33 -4.52
CA PRO D 319 40.37 17.65 -3.24
C PRO D 319 40.60 18.45 -1.94
N SER D 320 41.31 19.58 -1.98
CA SER D 320 41.47 20.48 -0.79
C SER D 320 40.14 21.06 -0.31
N ASP D 322 37.53 19.15 0.11
CA ASP D 322 36.92 18.06 0.88
C ASP D 322 37.38 18.13 2.34
N THR D 323 36.71 18.95 3.15
CA THR D 323 37.14 19.40 4.48
C THR D 323 36.18 18.94 5.59
N TYR D 324 35.05 18.31 5.27
CA TYR D 324 33.95 18.08 6.25
C TYR D 324 34.39 17.11 7.36
#